data_3L7Q
#
_entry.id   3L7Q
#
_cell.length_a   171.124
_cell.length_b   78.182
_cell.length_c   102.488
_cell.angle_alpha   90.00
_cell.angle_beta   121.28
_cell.angle_gamma   90.00
#
_symmetry.space_group_name_H-M   'C 1 2 1'
#
loop_
_entity.id
_entity.type
_entity.pdbx_description
1 polymer 'Putative translation initiation inhibitor, aldR regulator-like protein'
2 water water
#
_entity_poly.entity_id   1
_entity_poly.type   'polypeptide(L)'
_entity_poly.pdbx_seq_one_letter_code
;MKKIHTDKAPAAIGPYVQGKIVGNLLFASGQVPLSPETGQVIGTTIEEQTQQVLKNISAILTEAGTDFDHVVKTTCFLSD
IDDFVPFNEVYATAFKSDFPARSAVEVARLPKDVKIEIEVIAELI
;
_entity_poly.pdbx_strand_id   A,B,C,D,E,F,G,H,I
#
# COMPACT_ATOMS: atom_id res chain seq x y z
N LYS A 2 -16.58 -5.44 -16.09
CA LYS A 2 -16.92 -5.72 -14.65
C LYS A 2 -16.12 -4.91 -13.62
N LYS A 3 -16.83 -4.18 -12.76
CA LYS A 3 -16.21 -3.51 -11.61
C LYS A 3 -15.95 -4.51 -10.50
N ILE A 4 -14.91 -4.26 -9.71
CA ILE A 4 -14.69 -5.02 -8.49
C ILE A 4 -15.02 -4.21 -7.25
N HIS A 5 -15.73 -4.84 -6.31
CA HIS A 5 -15.81 -4.27 -4.99
C HIS A 5 -15.77 -5.27 -3.87
N THR A 6 -14.96 -4.99 -2.87
CA THR A 6 -14.98 -5.74 -1.60
C THR A 6 -14.95 -4.82 -0.37
N ASP A 7 -15.65 -5.26 0.69
CA ASP A 7 -15.69 -4.56 1.96
C ASP A 7 -14.34 -4.57 2.67
N LYS A 8 -13.43 -5.41 2.19
CA LYS A 8 -12.18 -5.68 2.91
C LYS A 8 -10.98 -4.92 2.31
N ALA A 9 -11.28 -4.03 1.37
CA ALA A 9 -10.31 -3.04 0.91
C ALA A 9 -10.98 -1.70 1.14
N PRO A 10 -10.18 -0.62 1.29
CA PRO A 10 -10.82 0.70 1.51
C PRO A 10 -11.92 0.99 0.47
N ALA A 11 -12.99 1.64 0.88
CA ALA A 11 -14.11 1.84 -0.02
C ALA A 11 -13.81 2.94 -1.07
N ALA A 12 -14.30 2.72 -2.29
CA ALA A 12 -14.10 3.63 -3.44
C ALA A 12 -15.01 4.82 -3.30
N ILE A 13 -14.46 5.87 -2.72
CA ILE A 13 -15.11 7.15 -2.57
C ILE A 13 -15.00 7.87 -3.90
N GLY A 14 -16.05 7.82 -4.71
CA GLY A 14 -16.17 8.73 -5.84
C GLY A 14 -15.99 8.11 -7.22
N PRO A 15 -15.13 8.73 -8.07
CA PRO A 15 -15.13 8.50 -9.51
C PRO A 15 -13.98 7.57 -9.89
N TYR A 16 -13.77 6.54 -9.07
CA TYR A 16 -13.00 5.36 -9.41
C TYR A 16 -13.60 4.10 -8.79
N VAL A 17 -13.08 2.93 -9.19
CA VAL A 17 -13.36 1.67 -8.49
C VAL A 17 -12.07 0.99 -8.06
N GLN A 18 -12.22 -0.01 -7.19
CA GLN A 18 -11.11 -0.65 -6.51
C GLN A 18 -10.37 -1.46 -7.52
N GLY A 19 -11.12 -2.09 -8.41
CA GLY A 19 -10.55 -2.86 -9.50
C GLY A 19 -11.49 -2.89 -10.69
N LYS A 20 -10.91 -3.01 -11.87
CA LYS A 20 -11.71 -3.25 -13.07
C LYS A 20 -11.15 -4.40 -13.87
N ILE A 21 -12.03 -5.30 -14.31
CA ILE A 21 -11.62 -6.39 -15.16
C ILE A 21 -11.87 -6.06 -16.62
N VAL A 22 -10.93 -6.47 -17.45
CA VAL A 22 -11.13 -6.45 -18.89
C VAL A 22 -10.46 -7.70 -19.44
N GLY A 23 -11.12 -8.39 -20.37
CA GLY A 23 -10.69 -9.74 -20.75
C GLY A 23 -10.26 -10.57 -19.54
N ASN A 24 -9.02 -11.05 -19.55
CA ASN A 24 -8.41 -11.83 -18.45
C ASN A 24 -7.54 -11.03 -17.47
N LEU A 25 -7.78 -9.74 -17.43
CA LEU A 25 -6.88 -8.86 -16.73
C LEU A 25 -7.66 -8.11 -15.69
N LEU A 26 -7.13 -8.09 -14.47
CA LEU A 26 -7.63 -7.19 -13.46
C LEU A 26 -6.63 -6.02 -13.31
N PHE A 27 -7.10 -4.80 -13.55
CA PHE A 27 -6.34 -3.59 -13.26
C PHE A 27 -6.91 -3.02 -11.97
N ALA A 28 -6.13 -3.08 -10.90
CA ALA A 28 -6.57 -2.53 -9.61
C ALA A 28 -6.09 -1.10 -9.39
N SER A 29 -6.95 -0.22 -8.90
CA SER A 29 -6.50 1.08 -8.38
C SER A 29 -5.33 0.92 -7.45
N GLY A 30 -4.37 1.84 -7.54
CA GLY A 30 -3.28 1.87 -6.59
C GLY A 30 -3.83 1.83 -5.17
N GLN A 31 -3.17 1.10 -4.29
CA GLN A 31 -3.61 0.93 -2.91
C GLN A 31 -2.71 1.68 -1.93
N VAL A 32 -3.31 2.30 -0.92
CA VAL A 32 -2.57 2.99 0.14
C VAL A 32 -2.81 2.35 1.52
N PRO A 33 -2.02 2.70 2.54
CA PRO A 33 -2.22 2.00 3.81
C PRO A 33 -3.39 2.52 4.63
N LEU A 34 -4.60 2.43 4.08
CA LEU A 34 -5.83 2.80 4.79
C LEU A 34 -6.55 1.53 5.26
N SER A 35 -7.10 1.59 6.48
CA SER A 35 -7.86 0.50 7.08
C SER A 35 -9.22 0.55 6.44
N PRO A 36 -9.75 -0.58 5.94
CA PRO A 36 -11.13 -0.64 5.40
C PRO A 36 -12.17 -0.46 6.51
N GLU A 37 -11.83 -0.87 7.74
CA GLU A 37 -12.76 -0.80 8.89
C GLU A 37 -12.93 0.60 9.47
N THR A 38 -11.85 1.37 9.49
CA THR A 38 -11.79 2.63 10.23
C THR A 38 -11.65 3.79 9.25
N GLY A 39 -10.97 3.54 8.14
CA GLY A 39 -10.75 4.59 7.17
C GLY A 39 -9.49 5.41 7.42
N GLN A 40 -8.70 5.01 8.43
CA GLN A 40 -7.50 5.76 8.84
C GLN A 40 -6.20 5.19 8.24
N VAL A 41 -5.16 6.00 8.20
CA VAL A 41 -3.82 5.49 7.93
C VAL A 41 -3.35 4.47 9.00
N ILE A 42 -2.83 3.34 8.54
CA ILE A 42 -2.31 2.33 9.43
C ILE A 42 -0.80 2.23 9.26
N GLY A 43 -0.11 2.22 10.40
CA GLY A 43 1.36 2.27 10.43
C GLY A 43 2.02 3.64 10.39
N THR A 44 3.17 3.77 11.04
CA THR A 44 4.00 4.98 10.92
C THR A 44 5.28 4.72 10.14
N THR A 45 5.71 3.46 10.13
CA THR A 45 6.89 3.06 9.39
C THR A 45 6.53 2.53 8.02
N ILE A 46 7.50 2.61 7.11
CA ILE A 46 7.38 2.00 5.80
C ILE A 46 7.02 0.51 5.86
N GLU A 47 7.44 -0.15 6.93
CA GLU A 47 7.16 -1.58 7.14
C GLU A 47 5.68 -1.83 7.40
N GLU A 48 5.13 -1.09 8.36
CA GLU A 48 3.74 -1.30 8.71
C GLU A 48 2.79 -0.81 7.63
N GLN A 49 3.12 0.31 7.00
CA GLN A 49 2.28 0.81 5.93
C GLN A 49 2.24 -0.17 4.73
N THR A 50 3.40 -0.68 4.33
CA THR A 50 3.48 -1.67 3.27
C THR A 50 2.62 -2.90 3.56
N GLN A 51 2.56 -3.30 4.82
CA GLN A 51 1.73 -4.43 5.19
C GLN A 51 0.25 -4.14 4.93
N GLN A 52 -0.17 -2.97 5.34
CA GLN A 52 -1.55 -2.60 5.14
C GLN A 52 -1.88 -2.58 3.64
N VAL A 53 -0.93 -2.05 2.85
CA VAL A 53 -1.18 -1.93 1.41
C VAL A 53 -1.41 -3.31 0.90
N LEU A 54 -0.54 -4.20 1.32
CA LEU A 54 -0.57 -5.56 0.82
C LEU A 54 -1.85 -6.28 1.16
N LYS A 55 -2.42 -6.02 2.34
CA LYS A 55 -3.72 -6.62 2.69
C LYS A 55 -4.84 -6.11 1.78
N ASN A 56 -4.95 -4.78 1.69
CA ASN A 56 -5.82 -4.16 0.72
C ASN A 56 -5.70 -4.77 -0.67
N ILE A 57 -4.48 -5.08 -1.10
CA ILE A 57 -4.34 -5.69 -2.42
C ILE A 57 -4.94 -7.09 -2.40
N SER A 58 -4.58 -7.84 -1.36
CA SER A 58 -5.12 -9.19 -1.11
C SER A 58 -6.64 -9.26 -1.28
N ALA A 59 -7.34 -8.38 -0.58
CA ALA A 59 -8.80 -8.43 -0.57
C ALA A 59 -9.34 -8.28 -1.98
N ILE A 60 -8.65 -7.47 -2.77
CA ILE A 60 -9.06 -7.16 -4.13
C ILE A 60 -8.77 -8.32 -5.08
N LEU A 61 -7.57 -8.89 -4.98
CA LEU A 61 -7.24 -10.04 -5.79
C LEU A 61 -8.25 -11.16 -5.48
N THR A 62 -8.41 -11.44 -4.19
CA THR A 62 -9.37 -12.42 -3.71
C THR A 62 -10.77 -12.16 -4.27
N GLU A 63 -11.33 -10.96 -4.06
CA GLU A 63 -12.62 -10.59 -4.64
C GLU A 63 -12.71 -10.88 -6.13
N ALA A 64 -11.68 -10.50 -6.89
CA ALA A 64 -11.66 -10.72 -8.33
C ALA A 64 -11.41 -12.17 -8.75
N GLY A 65 -11.10 -13.04 -7.79
CA GLY A 65 -10.75 -14.42 -8.10
C GLY A 65 -9.41 -14.52 -8.82
N THR A 66 -8.40 -13.90 -8.24
CA THR A 66 -7.00 -14.23 -8.53
C THR A 66 -6.23 -14.12 -7.21
N ASP A 67 -4.91 -14.10 -7.28
CA ASP A 67 -4.07 -13.99 -6.10
C ASP A 67 -2.68 -13.50 -6.46
N PHE A 68 -1.82 -13.41 -5.45
CA PHE A 68 -0.47 -12.89 -5.59
C PHE A 68 0.36 -13.67 -6.64
N ASP A 69 0.22 -14.99 -6.68
CA ASP A 69 0.93 -15.78 -7.68
C ASP A 69 0.64 -15.32 -9.13
N HIS A 70 -0.53 -14.72 -9.35
CA HIS A 70 -0.95 -14.38 -10.72
C HIS A 70 -0.88 -12.89 -11.08
N VAL A 71 -0.17 -12.12 -10.26
CA VAL A 71 0.15 -10.72 -10.55
C VAL A 71 1.22 -10.61 -11.65
N VAL A 72 0.93 -9.88 -12.73
CA VAL A 72 1.94 -9.69 -13.77
C VAL A 72 2.93 -8.51 -13.59
N LYS A 73 2.45 -7.41 -13.03
CA LYS A 73 3.22 -6.18 -13.01
C LYS A 73 2.73 -5.31 -11.84
N THR A 74 3.66 -4.71 -11.12
CA THR A 74 3.27 -3.74 -10.10
C THR A 74 4.01 -2.45 -10.34
N THR A 75 3.49 -1.35 -9.81
CA THR A 75 4.23 -0.09 -9.74
C THR A 75 4.19 0.37 -8.28
N CYS A 76 5.37 0.64 -7.73
CA CYS A 76 5.47 1.00 -6.35
C CYS A 76 5.90 2.43 -6.26
N PHE A 77 4.98 3.26 -5.79
CA PHE A 77 5.31 4.64 -5.59
C PHE A 77 5.75 4.81 -4.15
N LEU A 78 7.02 5.15 -3.93
CA LEU A 78 7.48 5.57 -2.61
C LEU A 78 7.61 7.10 -2.52
N SER A 79 7.38 7.61 -1.32
CA SER A 79 7.62 8.99 -0.98
C SER A 79 9.11 9.20 -0.67
N ASP A 80 9.78 8.13 -0.28
CA ASP A 80 11.23 8.16 -0.09
C ASP A 80 11.91 6.89 -0.61
N ILE A 81 12.65 7.01 -1.72
CA ILE A 81 13.38 5.87 -2.27
C ILE A 81 14.33 5.19 -1.24
N ASP A 82 14.74 5.93 -0.22
CA ASP A 82 15.70 5.42 0.74
C ASP A 82 15.04 4.34 1.62
N ASP A 83 13.71 4.31 1.61
CA ASP A 83 12.92 3.25 2.25
C ASP A 83 12.96 1.91 1.51
N PHE A 84 13.63 1.85 0.38
CA PHE A 84 13.44 0.72 -0.52
C PHE A 84 13.71 -0.64 0.10
N VAL A 85 14.77 -0.75 0.88
CA VAL A 85 15.14 -2.04 1.44
C VAL A 85 14.08 -2.58 2.41
N PRO A 86 13.68 -1.77 3.42
CA PRO A 86 12.64 -2.28 4.33
C PRO A 86 11.35 -2.65 3.58
N PHE A 87 10.99 -1.83 2.58
CA PHE A 87 9.78 -2.04 1.80
C PHE A 87 9.90 -3.29 0.92
N ASN A 88 11.08 -3.50 0.36
CA ASN A 88 11.30 -4.69 -0.43
C ASN A 88 11.08 -5.94 0.42
N GLU A 89 11.60 -5.91 1.64
CA GLU A 89 11.47 -7.06 2.53
C GLU A 89 10.02 -7.39 2.88
N VAL A 90 9.24 -6.37 3.22
CA VAL A 90 7.82 -6.58 3.45
C VAL A 90 7.10 -7.01 2.17
N TYR A 91 7.39 -6.31 1.07
CA TYR A 91 6.95 -6.69 -0.27
C TYR A 91 7.16 -8.19 -0.58
N ALA A 92 8.31 -8.72 -0.20
CA ALA A 92 8.59 -10.15 -0.38
C ALA A 92 7.55 -11.06 0.27
N THR A 93 7.07 -10.71 1.46
CA THR A 93 6.24 -11.65 2.20
C THR A 93 4.95 -12.02 1.50
N ALA A 94 4.54 -11.23 0.50
CA ALA A 94 3.32 -11.52 -0.23
C ALA A 94 3.58 -12.38 -1.47
N PHE A 95 4.73 -12.17 -2.08
CA PHE A 95 5.04 -12.86 -3.31
C PHE A 95 6.04 -13.97 -3.08
N LYS A 96 5.56 -15.22 -3.14
CA LYS A 96 6.36 -16.39 -2.78
C LYS A 96 7.29 -16.91 -3.91
N SER A 97 6.72 -17.13 -5.09
CA SER A 97 7.38 -17.98 -6.10
C SER A 97 7.33 -17.38 -7.50
N ASP A 98 6.16 -16.84 -7.87
CA ASP A 98 6.04 -16.23 -9.17
C ASP A 98 5.93 -14.73 -8.97
N PHE A 99 7.04 -14.03 -9.26
CA PHE A 99 7.16 -12.61 -9.02
C PHE A 99 6.70 -11.85 -10.25
N PRO A 100 6.02 -10.71 -10.05
CA PRO A 100 5.66 -9.80 -11.14
C PRO A 100 6.83 -8.91 -11.53
N ALA A 101 6.75 -8.35 -12.74
CA ALA A 101 7.63 -7.26 -13.10
C ALA A 101 7.32 -6.11 -12.15
N ARG A 102 8.31 -5.25 -11.93
CA ARG A 102 8.16 -4.10 -11.06
C ARG A 102 8.82 -2.82 -11.57
N SER A 103 8.23 -1.66 -11.24
CA SER A 103 8.95 -0.41 -11.23
C SER A 103 8.70 0.31 -9.93
N ALA A 104 9.74 1.02 -9.47
CA ALA A 104 9.72 1.64 -8.15
C ALA A 104 10.39 2.99 -8.31
N VAL A 105 9.68 4.06 -7.98
CA VAL A 105 10.21 5.39 -8.19
C VAL A 105 9.76 6.19 -7.00
N GLU A 106 10.41 7.34 -6.81
CA GLU A 106 10.03 8.22 -5.74
C GLU A 106 9.21 9.41 -6.28
N VAL A 107 7.97 9.48 -5.86
CA VAL A 107 7.13 10.59 -6.28
C VAL A 107 7.36 11.75 -5.32
N ALA A 108 6.93 12.95 -5.71
CA ALA A 108 7.04 14.09 -4.81
C ALA A 108 6.24 13.82 -3.56
N ARG A 109 5.02 13.26 -3.74
CA ARG A 109 3.98 13.21 -2.70
C ARG A 109 2.83 12.23 -2.99
N LEU A 110 2.30 11.64 -1.91
CA LEU A 110 1.20 10.68 -1.98
C LEU A 110 -0.03 11.17 -1.23
N PRO A 111 -1.24 10.68 -1.61
CA PRO A 111 -2.41 11.10 -0.84
C PRO A 111 -2.24 10.82 0.65
N LYS A 112 -2.64 11.78 1.49
CA LYS A 112 -2.49 11.72 2.96
C LYS A 112 -1.04 11.71 3.46
N ASP A 113 -0.10 12.01 2.57
CA ASP A 113 1.31 11.96 2.91
C ASP A 113 1.76 10.59 3.38
N VAL A 114 1.17 9.53 2.81
CA VAL A 114 1.64 8.17 3.10
C VAL A 114 2.98 7.90 2.44
N LYS A 115 3.65 6.83 2.85
CA LYS A 115 4.98 6.52 2.34
C LYS A 115 4.99 5.58 1.13
N ILE A 116 3.85 4.97 0.82
CA ILE A 116 3.84 3.89 -0.20
C ILE A 116 2.45 3.68 -0.84
N GLU A 117 2.41 3.62 -2.16
CA GLU A 117 1.19 3.25 -2.85
C GLU A 117 1.56 2.29 -3.93
N ILE A 118 0.82 1.18 -4.03
CA ILE A 118 1.15 0.12 -4.99
C ILE A 118 -0.04 -0.14 -5.89
N GLU A 119 0.19 -0.04 -7.20
CA GLU A 119 -0.80 -0.54 -8.16
C GLU A 119 -0.39 -1.89 -8.77
N VAL A 120 -1.38 -2.75 -8.98
CA VAL A 120 -1.11 -4.08 -9.54
C VAL A 120 -1.94 -4.41 -10.76
N ILE A 121 -1.35 -5.24 -11.62
CA ILE A 121 -2.01 -5.76 -12.79
C ILE A 121 -1.90 -7.26 -12.73
N ALA A 122 -3.00 -7.95 -12.96
CA ALA A 122 -3.06 -9.36 -12.64
C ALA A 122 -3.98 -10.09 -13.59
N GLU A 123 -3.65 -11.36 -13.77
CA GLU A 123 -4.38 -12.30 -14.60
C GLU A 123 -5.36 -13.04 -13.71
N LEU A 124 -6.56 -13.26 -14.23
CA LEU A 124 -7.55 -14.05 -13.51
C LEU A 124 -7.21 -15.55 -13.61
N ILE A 125 -7.17 -16.22 -12.46
CA ILE A 125 -7.12 -17.67 -12.42
C ILE A 125 -8.26 -18.19 -13.30
N LYS B 2 4.48 -16.89 -17.91
CA LYS B 2 5.97 -17.09 -17.88
C LYS B 2 6.81 -15.84 -17.64
N LYS B 3 7.88 -16.02 -16.87
CA LYS B 3 8.90 -15.03 -16.57
C LYS B 3 9.82 -14.79 -17.79
N ILE B 4 10.68 -13.78 -17.69
CA ILE B 4 11.71 -13.56 -18.68
C ILE B 4 12.99 -13.41 -17.89
N HIS B 5 14.05 -14.13 -18.28
CA HIS B 5 15.40 -13.80 -17.80
C HIS B 5 16.42 -13.78 -18.92
N THR B 6 17.28 -12.78 -18.92
CA THR B 6 18.38 -12.71 -19.86
C THR B 6 19.64 -12.20 -19.17
N ASP B 7 20.79 -12.80 -19.50
CA ASP B 7 22.08 -12.31 -18.99
C ASP B 7 22.43 -10.91 -19.51
N LYS B 8 21.80 -10.49 -20.61
CA LYS B 8 22.12 -9.23 -21.25
C LYS B 8 21.42 -8.00 -20.65
N ALA B 9 20.43 -8.22 -19.77
CA ALA B 9 19.92 -7.13 -18.92
C ALA B 9 20.35 -7.37 -17.47
N PRO B 10 20.46 -6.30 -16.67
CA PRO B 10 20.83 -6.42 -15.25
C PRO B 10 20.00 -7.48 -14.52
N ALA B 11 20.60 -8.15 -13.55
CA ALA B 11 19.99 -9.32 -12.92
C ALA B 11 18.82 -8.89 -12.03
N ALA B 12 17.76 -9.69 -12.02
CA ALA B 12 16.66 -9.40 -11.09
C ALA B 12 16.91 -10.06 -9.74
N ILE B 13 17.20 -9.24 -8.74
CA ILE B 13 17.47 -9.74 -7.41
C ILE B 13 16.26 -9.55 -6.50
N GLY B 14 15.82 -10.65 -5.90
CA GLY B 14 14.71 -10.59 -4.94
C GLY B 14 13.38 -10.66 -5.68
N PRO B 15 12.37 -9.96 -5.15
CA PRO B 15 11.01 -10.38 -5.45
C PRO B 15 10.42 -9.78 -6.75
N TYR B 16 11.25 -9.62 -7.77
CA TYR B 16 10.74 -9.29 -9.10
C TYR B 16 11.44 -10.06 -10.21
N VAL B 17 10.91 -9.95 -11.42
CA VAL B 17 11.59 -10.40 -12.63
C VAL B 17 11.80 -9.26 -13.61
N GLN B 18 12.59 -9.53 -14.64
CA GLN B 18 12.90 -8.51 -15.64
C GLN B 18 11.66 -8.23 -16.47
N GLY B 19 10.87 -9.27 -16.71
CA GLY B 19 9.66 -9.10 -17.52
C GLY B 19 8.71 -10.26 -17.31
N LYS B 20 7.42 -10.02 -17.47
CA LYS B 20 6.46 -11.10 -17.34
C LYS B 20 5.51 -11.01 -18.50
N ILE B 21 5.14 -12.17 -19.04
CA ILE B 21 4.22 -12.25 -20.18
C ILE B 21 2.85 -12.72 -19.69
N VAL B 22 1.80 -12.09 -20.18
CA VAL B 22 0.46 -12.57 -19.99
C VAL B 22 -0.28 -12.51 -21.33
N GLY B 23 -0.95 -13.62 -21.68
CA GLY B 23 -1.39 -13.83 -23.06
C GLY B 23 -0.32 -13.43 -24.08
N ASN B 24 -0.61 -12.34 -24.80
CA ASN B 24 0.19 -11.82 -25.90
C ASN B 24 0.99 -10.56 -25.52
N LEU B 25 1.11 -10.32 -24.22
CA LEU B 25 1.64 -9.06 -23.76
C LEU B 25 2.87 -9.30 -22.90
N LEU B 26 3.90 -8.49 -23.11
CA LEU B 26 5.04 -8.48 -22.23
C LEU B 26 4.97 -7.21 -21.39
N PHE B 27 5.01 -7.39 -20.07
CA PHE B 27 5.21 -6.28 -19.12
C PHE B 27 6.63 -6.42 -18.59
N ALA B 28 7.51 -5.55 -19.10
CA ALA B 28 8.90 -5.51 -18.69
C ALA B 28 9.00 -4.60 -17.50
N SER B 29 9.89 -4.94 -16.55
CA SER B 29 10.25 -4.03 -15.44
C SER B 29 10.93 -2.77 -15.92
N GLY B 30 10.80 -1.68 -15.15
CA GLY B 30 11.46 -0.44 -15.48
C GLY B 30 12.96 -0.68 -15.59
N GLN B 31 13.56 -0.27 -16.70
CA GLN B 31 15.02 -0.40 -16.89
C GLN B 31 15.80 0.88 -16.58
N VAL B 32 16.92 0.68 -15.89
CA VAL B 32 17.79 1.77 -15.42
C VAL B 32 19.14 1.65 -16.15
N PRO B 33 19.95 2.71 -16.12
CA PRO B 33 21.16 2.56 -16.93
C PRO B 33 22.26 1.78 -16.21
N LEU B 34 21.98 0.56 -15.77
CA LEU B 34 22.98 -0.27 -15.10
C LEU B 34 23.60 -1.28 -16.06
N SER B 35 24.89 -1.55 -15.88
CA SER B 35 25.59 -2.55 -16.69
C SER B 35 25.35 -4.00 -16.22
N PRO B 36 24.79 -4.83 -17.10
CA PRO B 36 24.56 -6.23 -16.74
C PRO B 36 25.86 -6.98 -16.45
N GLU B 37 27.00 -6.35 -16.75
CA GLU B 37 28.27 -7.03 -16.66
C GLU B 37 29.13 -6.51 -15.48
N THR B 38 28.99 -5.22 -15.16
CA THR B 38 29.76 -4.62 -14.07
C THR B 38 28.88 -4.30 -12.88
N GLY B 39 27.58 -4.32 -13.09
CA GLY B 39 26.63 -3.95 -12.04
C GLY B 39 26.64 -2.48 -11.68
N GLN B 40 27.24 -1.66 -12.53
CA GLN B 40 27.34 -0.23 -12.26
C GLN B 40 26.59 0.67 -13.24
N VAL B 41 26.35 1.89 -12.78
CA VAL B 41 25.75 2.91 -13.59
C VAL B 41 26.68 3.27 -14.74
N ILE B 42 26.18 3.15 -15.96
CA ILE B 42 26.90 3.54 -17.16
C ILE B 42 26.43 4.89 -17.64
N GLY B 43 27.36 5.81 -17.81
CA GLY B 43 27.05 7.13 -18.34
C GLY B 43 27.05 8.21 -17.28
N THR B 44 27.35 9.42 -17.73
CA THR B 44 27.39 10.59 -16.87
C THR B 44 26.38 11.61 -17.39
N THR B 45 25.90 11.38 -18.61
CA THR B 45 24.87 12.22 -19.22
C THR B 45 23.58 11.46 -19.44
N ILE B 46 22.50 12.21 -19.53
CA ILE B 46 21.22 11.68 -20.01
C ILE B 46 21.42 10.88 -21.28
N GLU B 47 22.28 11.36 -22.16
CA GLU B 47 22.56 10.66 -23.40
C GLU B 47 23.10 9.24 -23.18
N GLU B 48 24.18 9.12 -22.42
CA GLU B 48 24.82 7.81 -22.20
C GLU B 48 23.85 6.93 -21.43
N GLN B 49 23.26 7.50 -20.38
CA GLN B 49 22.32 6.74 -19.53
C GLN B 49 21.12 6.15 -20.28
N THR B 50 20.53 6.93 -21.18
CA THR B 50 19.39 6.48 -21.97
C THR B 50 19.82 5.37 -22.90
N GLN B 51 21.04 5.50 -23.43
CA GLN B 51 21.63 4.46 -24.28
C GLN B 51 21.65 3.09 -23.61
N GLN B 52 22.19 3.04 -22.41
CA GLN B 52 22.22 1.82 -21.64
C GLN B 52 20.80 1.33 -21.31
N VAL B 53 19.90 2.24 -20.93
CA VAL B 53 18.52 1.82 -20.60
C VAL B 53 17.96 1.01 -21.78
N LEU B 54 18.20 1.56 -22.97
CA LEU B 54 17.61 1.03 -24.19
C LEU B 54 18.21 -0.33 -24.57
N LYS B 55 19.52 -0.50 -24.43
CA LYS B 55 20.17 -1.83 -24.56
C LYS B 55 19.55 -2.89 -23.64
N ASN B 56 19.57 -2.60 -22.35
CA ASN B 56 18.83 -3.36 -21.35
C ASN B 56 17.43 -3.74 -21.83
N ILE B 57 16.64 -2.76 -22.25
CA ILE B 57 15.28 -3.04 -22.76
C ILE B 57 15.34 -3.97 -23.97
N SER B 58 16.12 -3.59 -24.98
CA SER B 58 16.35 -4.47 -26.15
C SER B 58 16.63 -5.97 -25.79
N ALA B 59 17.58 -6.22 -24.88
CA ALA B 59 17.88 -7.58 -24.47
C ALA B 59 16.60 -8.32 -24.04
N ILE B 60 15.79 -7.67 -23.21
CA ILE B 60 14.57 -8.25 -22.72
C ILE B 60 13.56 -8.55 -23.83
N LEU B 61 13.33 -7.59 -24.74
CA LEU B 61 12.44 -7.84 -25.87
C LEU B 61 12.90 -9.05 -26.71
N THR B 62 14.19 -9.13 -26.99
CA THR B 62 14.69 -10.23 -27.81
C THR B 62 14.39 -11.54 -27.10
N GLU B 63 14.83 -11.61 -25.86
CA GLU B 63 14.55 -12.74 -24.99
C GLU B 63 13.06 -13.13 -25.01
N ALA B 64 12.20 -12.14 -25.22
CA ALA B 64 10.75 -12.32 -25.12
C ALA B 64 10.05 -12.54 -26.47
N GLY B 65 10.84 -12.60 -27.55
CA GLY B 65 10.28 -12.82 -28.88
C GLY B 65 9.46 -11.63 -29.33
N THR B 66 9.99 -10.43 -29.06
CA THR B 66 9.45 -9.21 -29.61
C THR B 66 10.58 -8.21 -29.89
N ASP B 67 10.23 -7.03 -30.38
CA ASP B 67 11.23 -5.97 -30.64
C ASP B 67 10.67 -4.56 -30.37
N PHE B 68 11.49 -3.53 -30.61
CA PHE B 68 11.07 -2.13 -30.46
C PHE B 68 9.88 -1.72 -31.34
N ASP B 69 9.79 -2.29 -32.53
CA ASP B 69 8.66 -1.96 -33.43
C ASP B 69 7.33 -2.47 -32.88
N HIS B 70 7.41 -3.45 -31.98
CA HIS B 70 6.22 -4.04 -31.38
C HIS B 70 6.00 -3.58 -29.92
N VAL B 71 6.73 -2.56 -29.46
CA VAL B 71 6.43 -1.97 -28.16
C VAL B 71 5.21 -1.08 -28.22
N VAL B 72 4.22 -1.31 -27.35
CA VAL B 72 2.95 -0.59 -27.46
C VAL B 72 2.79 0.70 -26.64
N LYS B 73 3.44 0.76 -25.49
CA LYS B 73 3.26 1.90 -24.58
C LYS B 73 4.48 1.97 -23.69
N THR B 74 5.05 3.16 -23.52
CA THR B 74 6.15 3.27 -22.59
C THR B 74 5.88 4.35 -21.55
N THR B 75 6.56 4.24 -20.43
CA THR B 75 6.58 5.32 -19.47
C THR B 75 8.00 5.70 -19.10
N CYS B 76 8.31 6.98 -19.27
CA CYS B 76 9.68 7.45 -19.12
C CYS B 76 9.71 8.37 -17.96
N PHE B 77 10.46 7.95 -16.94
CA PHE B 77 10.54 8.66 -15.67
C PHE B 77 11.89 9.36 -15.68
N LEU B 78 11.92 10.67 -15.80
CA LEU B 78 13.18 11.41 -15.78
C LEU B 78 13.45 11.95 -14.39
N SER B 79 14.72 12.04 -14.01
CA SER B 79 15.07 12.68 -12.76
C SER B 79 14.99 14.19 -12.93
N ASP B 80 14.88 14.63 -14.18
CA ASP B 80 14.93 16.07 -14.43
C ASP B 80 14.42 16.36 -15.81
N ILE B 81 13.28 17.02 -15.89
CA ILE B 81 12.63 17.29 -17.17
C ILE B 81 13.35 18.30 -18.07
N ASP B 82 14.30 19.06 -17.50
CA ASP B 82 15.21 19.86 -18.34
C ASP B 82 16.08 18.99 -19.26
N ASP B 83 16.32 17.73 -18.90
CA ASP B 83 17.04 16.78 -19.77
C ASP B 83 16.21 16.29 -20.97
N PHE B 84 15.00 16.82 -21.14
CA PHE B 84 14.04 16.20 -22.02
C PHE B 84 14.47 16.13 -23.46
N VAL B 85 15.05 17.22 -23.97
CA VAL B 85 15.41 17.25 -25.40
C VAL B 85 16.46 16.21 -25.83
N PRO B 86 17.60 16.14 -25.13
CA PRO B 86 18.56 15.09 -25.49
C PRO B 86 18.01 13.69 -25.23
N PHE B 87 17.22 13.50 -24.16
CA PHE B 87 16.57 12.20 -23.91
C PHE B 87 15.84 11.79 -25.14
N ASN B 88 15.07 12.74 -25.68
CA ASN B 88 14.07 12.46 -26.65
C ASN B 88 14.75 12.14 -27.97
N GLU B 89 15.86 12.80 -28.24
CA GLU B 89 16.71 12.46 -29.36
C GLU B 89 17.28 11.07 -29.27
N VAL B 90 17.75 10.66 -28.09
CA VAL B 90 18.32 9.33 -28.04
C VAL B 90 17.19 8.32 -28.12
N TYR B 91 16.07 8.62 -27.45
CA TYR B 91 14.94 7.70 -27.36
C TYR B 91 14.47 7.39 -28.77
N ALA B 92 14.51 8.41 -29.62
CA ALA B 92 14.02 8.28 -30.98
C ALA B 92 14.81 7.25 -31.75
N THR B 93 16.11 7.15 -31.48
CA THR B 93 16.97 6.27 -32.27
C THR B 93 16.70 4.76 -32.08
N ALA B 94 15.84 4.39 -31.16
CA ALA B 94 15.57 3.00 -30.96
C ALA B 94 14.40 2.57 -31.77
N PHE B 95 13.84 3.52 -32.47
CA PHE B 95 12.63 3.30 -33.18
C PHE B 95 12.88 3.75 -34.60
N LYS B 96 11.97 3.50 -35.49
CA LYS B 96 12.14 3.99 -36.82
C LYS B 96 10.96 4.82 -37.20
N SER B 97 9.99 4.23 -37.84
CA SER B 97 8.77 4.96 -38.17
C SER B 97 7.64 4.57 -37.27
N ASP B 98 7.82 3.49 -36.54
CA ASP B 98 6.83 2.99 -35.60
C ASP B 98 7.08 3.37 -34.16
N PHE B 99 6.26 4.26 -33.65
CA PHE B 99 6.36 4.69 -32.26
C PHE B 99 5.24 4.15 -31.34
N PRO B 100 5.56 3.96 -30.05
CA PRO B 100 4.57 3.62 -29.02
C PRO B 100 3.88 4.85 -28.44
N ALA B 101 2.78 4.62 -27.71
CA ALA B 101 2.20 5.65 -26.87
C ALA B 101 3.22 5.89 -25.75
N ARG B 102 3.25 7.09 -25.22
CA ARG B 102 4.26 7.39 -24.26
C ARG B 102 3.70 8.34 -23.21
N SER B 103 4.17 8.20 -21.97
CA SER B 103 4.23 9.36 -21.10
C SER B 103 5.61 9.49 -20.54
N ALA B 104 5.90 10.69 -20.11
CA ALA B 104 7.22 11.07 -19.66
C ALA B 104 7.00 12.15 -18.62
N VAL B 105 7.55 11.96 -17.43
CA VAL B 105 7.35 12.91 -16.36
C VAL B 105 8.61 12.92 -15.56
N GLU B 106 8.81 14.00 -14.82
CA GLU B 106 9.86 14.06 -13.84
C GLU B 106 9.35 13.51 -12.52
N VAL B 107 9.99 12.47 -12.02
CA VAL B 107 9.73 11.97 -10.67
C VAL B 107 10.77 12.56 -9.70
N ALA B 108 10.52 12.53 -8.40
CA ALA B 108 11.47 13.13 -7.46
C ALA B 108 12.85 12.40 -7.40
N ARG B 109 12.88 11.10 -7.64
CA ARG B 109 14.13 10.37 -7.50
C ARG B 109 13.98 8.98 -8.09
N LEU B 110 15.10 8.42 -8.54
CA LEU B 110 15.10 7.05 -9.03
C LEU B 110 16.18 6.25 -8.29
N PRO B 111 16.14 4.90 -8.40
CA PRO B 111 17.17 4.08 -7.79
C PRO B 111 18.54 4.54 -8.24
N LYS B 112 19.44 4.64 -7.25
CA LYS B 112 20.83 5.09 -7.41
C LYS B 112 21.02 6.47 -8.06
N ASP B 113 20.00 7.30 -7.99
CA ASP B 113 20.05 8.65 -8.55
C ASP B 113 20.36 8.73 -10.05
N VAL B 114 19.99 7.68 -10.77
CA VAL B 114 20.05 7.69 -12.22
C VAL B 114 19.13 8.74 -12.85
N LYS B 115 19.48 9.19 -14.05
CA LYS B 115 18.69 10.20 -14.76
C LYS B 115 17.41 9.69 -15.43
N ILE B 116 17.37 8.41 -15.79
CA ILE B 116 16.29 7.86 -16.59
C ILE B 116 15.87 6.42 -16.24
N GLU B 117 14.57 6.17 -16.20
CA GLU B 117 14.06 4.80 -16.06
C GLU B 117 12.86 4.66 -16.97
N ILE B 118 12.82 3.56 -17.72
CA ILE B 118 11.83 3.38 -18.77
C ILE B 118 11.14 2.00 -18.66
N GLU B 119 9.84 2.00 -18.42
CA GLU B 119 9.10 0.77 -18.53
C GLU B 119 8.41 0.66 -19.86
N VAL B 120 8.47 -0.54 -20.42
CA VAL B 120 7.75 -0.81 -21.64
C VAL B 120 6.75 -1.94 -21.49
N ILE B 121 5.75 -1.88 -22.35
CA ILE B 121 4.78 -2.91 -22.56
C ILE B 121 4.77 -3.13 -24.06
N ALA B 122 4.89 -4.38 -24.47
CA ALA B 122 5.14 -4.71 -25.84
C ALA B 122 4.37 -5.98 -26.24
N GLU B 123 3.83 -5.98 -27.45
CA GLU B 123 3.17 -7.15 -28.04
C GLU B 123 4.19 -8.15 -28.59
N LEU B 124 3.94 -9.43 -28.34
CA LEU B 124 4.78 -10.50 -28.88
C LEU B 124 4.54 -10.72 -30.36
N ILE B 125 5.62 -10.73 -31.15
CA ILE B 125 5.57 -11.21 -32.52
C ILE B 125 5.02 -12.63 -32.51
N LYS C 2 -1.49 -0.88 -34.61
CA LYS C 2 -2.48 0.07 -35.18
C LYS C 2 -2.61 1.34 -34.32
N LYS C 3 -2.57 2.50 -34.98
CA LYS C 3 -2.20 3.77 -34.32
C LYS C 3 -3.33 4.80 -34.39
N ILE C 4 -3.27 5.81 -33.53
CA ILE C 4 -4.31 6.82 -33.49
C ILE C 4 -3.78 8.18 -33.93
N HIS C 5 -4.48 8.81 -34.87
CA HIS C 5 -4.13 10.16 -35.32
C HIS C 5 -5.44 10.92 -35.43
N THR C 6 -5.56 12.04 -34.71
CA THR C 6 -6.67 12.96 -34.94
C THR C 6 -6.19 14.36 -34.72
N ASP C 7 -6.77 15.29 -35.46
CA ASP C 7 -6.41 16.68 -35.27
C ASP C 7 -7.26 17.32 -34.18
N LYS C 8 -8.02 16.49 -33.48
CA LYS C 8 -8.85 16.98 -32.39
C LYS C 8 -8.21 16.82 -31.02
N ALA C 9 -7.00 16.29 -30.99
CA ALA C 9 -6.13 16.39 -29.82
C ALA C 9 -4.74 16.82 -30.25
N PRO C 10 -3.97 17.41 -29.33
CA PRO C 10 -2.63 17.90 -29.69
C PRO C 10 -1.85 16.85 -30.47
N ALA C 11 -1.14 17.28 -31.50
CA ALA C 11 -0.52 16.35 -32.46
C ALA C 11 0.73 15.75 -31.84
N ALA C 12 1.02 14.50 -32.18
CA ALA C 12 2.23 13.86 -31.71
C ALA C 12 3.41 14.50 -32.44
N ILE C 13 4.15 15.34 -31.72
CA ILE C 13 5.38 15.90 -32.27
C ILE C 13 6.58 15.24 -31.64
N GLY C 14 7.12 14.26 -32.33
CA GLY C 14 8.27 13.55 -31.82
C GLY C 14 7.95 12.08 -31.85
N PRO C 15 8.78 11.29 -31.16
CA PRO C 15 8.83 9.85 -31.38
C PRO C 15 7.79 9.08 -30.55
N TYR C 16 6.52 9.50 -30.64
CA TYR C 16 5.41 8.75 -30.09
C TYR C 16 4.17 8.95 -30.96
N VAL C 17 3.08 8.25 -30.61
CA VAL C 17 1.77 8.53 -31.16
C VAL C 17 0.76 8.94 -30.08
N GLN C 18 -0.40 9.41 -30.51
CA GLN C 18 -1.44 9.80 -29.57
C GLN C 18 -1.95 8.60 -28.78
N GLY C 19 -2.12 7.47 -29.46
CA GLY C 19 -2.35 6.21 -28.80
C GLY C 19 -2.12 5.03 -29.73
N LYS C 20 -2.11 3.82 -29.18
CA LYS C 20 -1.80 2.61 -29.91
C LYS C 20 -2.64 1.45 -29.37
N ILE C 21 -3.04 0.55 -30.27
CA ILE C 21 -4.06 -0.47 -29.98
C ILE C 21 -3.41 -1.84 -30.04
N VAL C 22 -3.70 -2.68 -29.05
CA VAL C 22 -3.28 -4.08 -29.09
C VAL C 22 -4.43 -4.98 -28.63
N GLY C 23 -4.77 -5.95 -29.48
CA GLY C 23 -6.06 -6.63 -29.39
C GLY C 23 -7.22 -5.67 -29.17
N ASN C 24 -7.94 -5.85 -28.06
CA ASN C 24 -9.08 -4.97 -27.72
C ASN C 24 -8.73 -3.74 -26.91
N LEU C 25 -7.44 -3.55 -26.61
CA LEU C 25 -7.00 -2.51 -25.68
C LEU C 25 -6.41 -1.31 -26.41
N LEU C 26 -6.79 -0.12 -25.99
CA LEU C 26 -6.18 1.10 -26.45
C LEU C 26 -5.35 1.68 -25.32
N PHE C 27 -4.06 1.89 -25.58
CA PHE C 27 -3.17 2.59 -24.66
C PHE C 27 -2.92 4.03 -25.16
N ALA C 28 -3.44 5.03 -24.46
CA ALA C 28 -3.25 6.40 -24.88
C ALA C 28 -2.02 7.01 -24.25
N SER C 29 -1.36 7.91 -24.95
CA SER C 29 -0.35 8.75 -24.37
C SER C 29 -0.91 9.71 -23.32
N GLY C 30 -0.14 9.92 -22.27
CA GLY C 30 -0.50 10.92 -21.28
C GLY C 30 -0.95 12.17 -22.00
N GLN C 31 -2.15 12.62 -21.68
CA GLN C 31 -2.67 13.85 -22.22
C GLN C 31 -2.50 15.04 -21.26
N VAL C 32 -2.18 16.19 -21.84
CA VAL C 32 -1.89 17.40 -21.06
C VAL C 32 -2.85 18.53 -21.46
N PRO C 33 -2.84 19.65 -20.73
CA PRO C 33 -3.90 20.65 -20.99
C PRO C 33 -3.55 21.57 -22.16
N LEU C 34 -3.19 20.97 -23.29
CA LEU C 34 -2.75 21.69 -24.46
C LEU C 34 -3.89 21.80 -25.47
N SER C 35 -3.98 22.94 -26.15
CA SER C 35 -5.01 23.13 -27.14
C SER C 35 -4.63 22.54 -28.51
N PRO C 36 -5.52 21.74 -29.11
CA PRO C 36 -5.09 21.09 -30.35
C PRO C 36 -5.09 22.10 -31.50
N GLU C 37 -5.49 23.32 -31.19
CA GLU C 37 -5.81 24.28 -32.23
C GLU C 37 -4.72 25.32 -32.17
N THR C 38 -4.54 25.93 -30.99
CA THR C 38 -3.48 26.92 -30.71
C THR C 38 -2.17 26.40 -30.09
N GLY C 39 -2.09 25.10 -29.82
CA GLY C 39 -0.93 24.51 -29.09
C GLY C 39 -0.54 25.16 -27.76
N GLN C 40 -1.36 26.08 -27.23
CA GLN C 40 -1.09 26.70 -25.93
C GLN C 40 -1.70 25.94 -24.75
N VAL C 41 -1.22 26.25 -23.56
CA VAL C 41 -1.85 25.73 -22.38
C VAL C 41 -3.16 26.44 -22.21
N ILE C 42 -4.21 25.65 -22.03
CA ILE C 42 -5.54 26.17 -21.80
C ILE C 42 -5.79 26.18 -20.29
N GLY C 43 -5.99 27.36 -19.75
CA GLY C 43 -6.42 27.44 -18.36
C GLY C 43 -5.27 27.71 -17.43
N THR C 44 -5.64 28.14 -16.23
CA THR C 44 -4.75 28.74 -15.26
C THR C 44 -5.09 28.12 -13.88
N THR C 45 -6.00 27.15 -13.91
CA THR C 45 -6.48 26.44 -12.73
C THR C 45 -6.56 24.94 -13.02
N ILE C 46 -6.43 24.13 -11.98
CA ILE C 46 -6.60 22.71 -12.16
C ILE C 46 -7.94 22.38 -12.83
N GLU C 47 -8.99 23.13 -12.47
CA GLU C 47 -10.32 22.95 -13.06
C GLU C 47 -10.31 23.10 -14.56
N GLU C 48 -9.84 24.24 -15.05
CA GLU C 48 -9.82 24.55 -16.49
C GLU C 48 -8.92 23.54 -17.21
N GLN C 49 -7.79 23.22 -16.59
CA GLN C 49 -6.80 22.38 -17.25
C GLN C 49 -7.27 20.95 -17.38
N THR C 50 -7.97 20.45 -16.36
CA THR C 50 -8.50 19.09 -16.40
C THR C 50 -9.51 18.93 -17.52
N GLN C 51 -10.39 19.93 -17.62
CA GLN C 51 -11.39 19.96 -18.69
C GLN C 51 -10.71 19.87 -20.05
N GLN C 52 -9.66 20.67 -20.27
CA GLN C 52 -8.87 20.51 -21.50
C GLN C 52 -8.30 19.11 -21.67
N VAL C 53 -7.70 18.56 -20.62
CA VAL C 53 -7.13 17.23 -20.73
C VAL C 53 -8.19 16.23 -21.16
N LEU C 54 -9.33 16.25 -20.48
CA LEU C 54 -10.48 15.42 -20.84
C LEU C 54 -10.97 15.61 -22.28
N LYS C 55 -11.11 16.87 -22.73
CA LYS C 55 -11.42 17.13 -24.14
C LYS C 55 -10.43 16.33 -24.98
N ASN C 56 -9.14 16.49 -24.69
CA ASN C 56 -8.12 15.82 -25.48
C ASN C 56 -8.17 14.29 -25.44
N ILE C 57 -8.38 13.71 -24.26
CA ILE C 57 -8.59 12.27 -24.14
C ILE C 57 -9.80 11.81 -24.97
N SER C 58 -10.88 12.59 -24.91
CA SER C 58 -12.14 12.22 -25.58
C SER C 58 -11.96 12.07 -27.08
N ALA C 59 -11.37 13.07 -27.70
CA ALA C 59 -10.95 13.00 -29.09
C ALA C 59 -10.19 11.70 -29.37
N ILE C 60 -9.25 11.31 -28.49
CA ILE C 60 -8.50 10.10 -28.77
C ILE C 60 -9.39 8.86 -28.70
N LEU C 61 -10.22 8.75 -27.68
CA LEU C 61 -11.19 7.63 -27.55
C LEU C 61 -12.10 7.49 -28.75
N THR C 62 -12.68 8.61 -29.15
CA THR C 62 -13.56 8.66 -30.33
C THR C 62 -12.89 8.13 -31.61
N GLU C 63 -11.77 8.75 -31.97
CA GLU C 63 -11.02 8.30 -33.14
C GLU C 63 -10.66 6.82 -33.02
N ALA C 64 -10.58 6.30 -31.81
CA ALA C 64 -10.30 4.87 -31.62
C ALA C 64 -11.56 3.98 -31.59
N GLY C 65 -12.72 4.62 -31.72
CA GLY C 65 -13.98 3.90 -31.55
C GLY C 65 -14.07 3.32 -30.15
N THR C 66 -13.95 4.18 -29.15
CA THR C 66 -14.33 3.81 -27.79
C THR C 66 -14.84 5.04 -27.08
N ASP C 67 -15.14 4.91 -25.80
CA ASP C 67 -15.66 6.06 -25.07
C ASP C 67 -15.23 6.05 -23.63
N PHE C 68 -15.53 7.15 -22.96
CA PHE C 68 -15.23 7.29 -21.55
C PHE C 68 -15.66 6.08 -20.75
N ASP C 69 -16.84 5.51 -21.06
CA ASP C 69 -17.38 4.44 -20.25
C ASP C 69 -16.65 3.14 -20.44
N HIS C 70 -15.73 3.11 -21.40
CA HIS C 70 -14.96 1.89 -21.64
C HIS C 70 -13.52 1.99 -21.19
N VAL C 71 -13.18 3.10 -20.56
CA VAL C 71 -11.87 3.23 -19.94
C VAL C 71 -11.78 2.25 -18.77
N VAL C 72 -10.72 1.46 -18.75
CA VAL C 72 -10.63 0.47 -17.72
C VAL C 72 -9.74 0.92 -16.59
N LYS C 73 -8.84 1.86 -16.87
CA LYS C 73 -7.81 2.29 -15.93
C LYS C 73 -7.22 3.62 -16.36
N THR C 74 -7.13 4.57 -15.43
CA THR C 74 -6.32 5.73 -15.66
C THR C 74 -5.18 5.86 -14.67
N THR C 75 -4.12 6.53 -15.12
CA THR C 75 -3.13 7.13 -14.21
C THR C 75 -3.14 8.66 -14.33
N CYS C 76 -3.46 9.34 -13.23
CA CYS C 76 -3.49 10.78 -13.16
C CYS C 76 -2.23 11.33 -12.53
N PHE C 77 -1.54 12.23 -13.24
CA PHE C 77 -0.37 12.89 -12.67
C PHE C 77 -0.74 14.33 -12.38
N LEU C 78 -0.61 14.72 -11.11
CA LEU C 78 -0.86 16.09 -10.68
C LEU C 78 0.45 16.72 -10.24
N SER C 79 0.50 18.04 -10.36
CA SER C 79 1.66 18.79 -9.94
C SER C 79 1.52 19.16 -8.47
N ASP C 80 0.30 19.03 -7.94
CA ASP C 80 0.02 19.47 -6.57
C ASP C 80 -1.13 18.66 -5.99
N ILE C 81 -0.80 17.58 -5.28
CA ILE C 81 -1.83 16.72 -4.75
C ILE C 81 -2.95 17.54 -4.10
N ASP C 82 -2.63 18.77 -3.72
CA ASP C 82 -3.64 19.61 -3.05
C ASP C 82 -4.81 20.00 -3.96
N ASP C 83 -4.57 20.00 -5.27
CA ASP C 83 -5.63 20.18 -6.27
C ASP C 83 -6.65 19.01 -6.30
N PHE C 84 -6.41 17.97 -5.52
CA PHE C 84 -7.15 16.73 -5.68
C PHE C 84 -8.68 16.84 -5.66
N VAL C 85 -9.21 17.57 -4.67
CA VAL C 85 -10.64 17.81 -4.60
C VAL C 85 -11.20 18.49 -5.87
N PRO C 86 -10.74 19.73 -6.17
CA PRO C 86 -11.24 20.32 -7.42
C PRO C 86 -10.93 19.43 -8.59
N PHE C 87 -9.77 18.79 -8.58
CA PHE C 87 -9.42 17.93 -9.71
C PHE C 87 -10.48 16.85 -9.92
N ASN C 88 -10.86 16.23 -8.82
CA ASN C 88 -11.79 15.14 -8.84
C ASN C 88 -13.18 15.48 -9.36
N GLU C 89 -13.63 16.69 -9.01
CA GLU C 89 -14.93 17.17 -9.43
C GLU C 89 -15.00 17.21 -10.94
N VAL C 90 -13.92 17.60 -11.61
CA VAL C 90 -13.99 17.73 -13.08
C VAL C 90 -13.70 16.41 -13.81
N TYR C 91 -12.87 15.59 -13.18
CA TYR C 91 -12.63 14.23 -13.63
C TYR C 91 -13.99 13.57 -13.75
N ALA C 92 -14.78 13.73 -12.69
CA ALA C 92 -16.03 13.00 -12.55
C ALA C 92 -17.08 13.43 -13.58
N THR C 93 -16.88 14.55 -14.26
CA THR C 93 -17.79 14.98 -15.32
C THR C 93 -17.65 14.19 -16.63
N ALA C 94 -16.51 13.51 -16.81
CA ALA C 94 -16.31 12.61 -17.95
C ALA C 94 -16.69 11.19 -17.58
N PHE C 95 -16.26 10.78 -16.40
CA PHE C 95 -16.60 9.47 -15.91
C PHE C 95 -17.65 9.65 -14.82
N LYS C 96 -18.88 9.32 -15.15
CA LYS C 96 -19.94 9.60 -14.24
C LYS C 96 -20.56 8.39 -13.58
N SER C 97 -20.42 7.23 -14.22
CA SER C 97 -21.21 6.04 -13.94
C SER C 97 -20.44 4.73 -13.74
N ASP C 98 -20.02 4.11 -14.82
CA ASP C 98 -19.14 2.97 -14.75
C ASP C 98 -17.82 3.67 -14.56
N PHE C 99 -17.08 3.35 -13.52
CA PHE C 99 -15.79 4.02 -13.33
C PHE C 99 -14.55 3.19 -13.70
N PRO C 100 -13.49 3.86 -14.14
CA PRO C 100 -12.22 3.16 -14.34
C PRO C 100 -11.52 2.96 -13.00
N ALA C 101 -10.65 1.97 -12.92
CA ALA C 101 -9.67 1.93 -11.82
C ALA C 101 -8.65 3.08 -11.99
N ARG C 102 -8.14 3.60 -10.88
CA ARG C 102 -7.31 4.79 -10.92
C ARG C 102 -6.13 4.76 -9.98
N SER C 103 -5.00 5.30 -10.46
CA SER C 103 -3.96 5.83 -9.59
C SER C 103 -3.77 7.33 -9.82
N ALA C 104 -3.48 8.06 -8.74
CA ALA C 104 -3.26 9.51 -8.77
C ALA C 104 -2.12 9.90 -7.83
N VAL C 105 -1.01 10.39 -8.41
CA VAL C 105 0.15 10.79 -7.63
C VAL C 105 0.66 12.18 -8.01
N GLU C 106 1.49 12.72 -7.12
CA GLU C 106 2.17 13.97 -7.38
C GLU C 106 3.57 13.71 -7.86
N VAL C 107 3.81 14.05 -9.12
CA VAL C 107 5.12 14.00 -9.70
C VAL C 107 5.79 15.31 -9.38
N ALA C 108 7.04 15.45 -9.76
CA ALA C 108 7.82 16.67 -9.56
C ALA C 108 7.47 17.76 -10.59
N ARG C 109 7.74 17.49 -11.88
CA ARG C 109 7.31 18.36 -12.99
C ARG C 109 6.64 17.56 -14.12
N LEU C 110 5.85 18.27 -14.92
CA LEU C 110 5.17 17.73 -16.12
C LEU C 110 5.57 18.56 -17.35
N PRO C 111 5.50 17.99 -18.57
CA PRO C 111 5.82 18.92 -19.67
C PRO C 111 5.15 20.29 -19.45
N LYS C 112 5.89 21.37 -19.71
CA LYS C 112 5.38 22.74 -19.59
C LYS C 112 4.89 23.14 -18.18
N ASP C 113 5.15 22.28 -17.19
CA ASP C 113 4.72 22.52 -15.82
C ASP C 113 3.19 22.77 -15.71
N VAL C 114 2.43 22.11 -16.58
CA VAL C 114 0.99 22.02 -16.44
C VAL C 114 0.64 21.39 -15.11
N LYS C 115 -0.63 21.45 -14.74
CA LYS C 115 -1.09 20.95 -13.44
C LYS C 115 -1.49 19.48 -13.44
N ILE C 116 -1.71 18.93 -14.63
CA ILE C 116 -2.37 17.64 -14.72
C ILE C 116 -2.00 16.93 -16.02
N GLU C 117 -1.69 15.64 -15.94
CA GLU C 117 -1.48 14.83 -17.14
C GLU C 117 -2.19 13.52 -16.87
N ILE C 118 -3.05 13.07 -17.79
CA ILE C 118 -3.76 11.83 -17.57
C ILE C 118 -3.45 10.85 -18.68
N GLU C 119 -3.10 9.61 -18.34
CA GLU C 119 -3.14 8.57 -19.35
C GLU C 119 -4.27 7.60 -19.10
N VAL C 120 -4.81 7.04 -20.17
CA VAL C 120 -5.95 6.13 -20.03
C VAL C 120 -5.70 4.86 -20.81
N ILE C 121 -6.29 3.78 -20.31
CA ILE C 121 -6.30 2.51 -21.01
C ILE C 121 -7.76 2.12 -21.18
N ALA C 122 -8.10 1.61 -22.35
CA ALA C 122 -9.49 1.43 -22.73
C ALA C 122 -9.77 0.17 -23.53
N GLU C 123 -10.99 -0.34 -23.37
CA GLU C 123 -11.50 -1.41 -24.22
C GLU C 123 -12.20 -0.88 -25.49
N LEU C 124 -11.98 -1.55 -26.62
CA LEU C 124 -12.72 -1.17 -27.83
C LEU C 124 -14.21 -1.51 -27.72
N ILE C 125 -15.09 -0.60 -28.12
CA ILE C 125 -16.50 -0.94 -28.25
C ILE C 125 -16.69 -2.20 -29.13
N LYS D 2 21.03 -28.87 -6.51
CA LYS D 2 19.60 -28.58 -6.15
C LYS D 2 19.41 -27.49 -5.08
N LYS D 3 18.43 -26.62 -5.33
CA LYS D 3 18.13 -25.48 -4.48
C LYS D 3 16.90 -25.71 -3.60
N ILE D 4 16.91 -25.05 -2.44
CA ILE D 4 15.95 -25.23 -1.38
C ILE D 4 15.13 -23.98 -1.30
N HIS D 5 13.81 -24.10 -1.35
CA HIS D 5 12.95 -22.98 -1.03
C HIS D 5 11.70 -23.38 -0.25
N THR D 6 11.47 -22.70 0.86
CA THR D 6 10.26 -22.84 1.63
C THR D 6 9.67 -21.50 2.11
N ASP D 7 8.36 -21.37 2.00
CA ASP D 7 7.64 -20.21 2.55
C ASP D 7 7.85 -19.98 4.05
N LYS D 8 8.47 -20.96 4.70
CA LYS D 8 8.53 -21.00 6.16
C LYS D 8 9.84 -20.50 6.70
N ALA D 9 10.76 -20.20 5.80
CA ALA D 9 11.97 -19.50 6.15
C ALA D 9 11.84 -18.13 5.51
N PRO D 10 12.52 -17.12 6.06
CA PRO D 10 12.51 -15.81 5.42
C PRO D 10 12.92 -15.93 3.94
N ALA D 11 12.28 -15.14 3.08
CA ALA D 11 12.57 -15.20 1.66
C ALA D 11 13.97 -14.65 1.31
N ALA D 12 14.59 -15.26 0.32
CA ALA D 12 15.84 -14.75 -0.24
C ALA D 12 15.64 -13.48 -1.06
N ILE D 13 15.79 -12.34 -0.40
CA ILE D 13 15.88 -11.01 -1.01
C ILE D 13 17.37 -10.69 -1.25
N GLY D 14 17.98 -11.37 -2.20
CA GLY D 14 19.42 -11.28 -2.31
C GLY D 14 19.85 -12.25 -3.38
N PRO D 15 21.05 -12.02 -3.94
CA PRO D 15 21.65 -12.99 -4.83
C PRO D 15 22.13 -14.24 -4.03
N TYR D 16 21.23 -14.82 -3.24
CA TYR D 16 21.45 -16.12 -2.61
C TYR D 16 20.17 -16.95 -2.62
N VAL D 17 20.29 -18.26 -2.38
CA VAL D 17 19.16 -19.12 -2.00
C VAL D 17 19.25 -19.52 -0.53
N GLN D 18 18.14 -19.99 0.03
CA GLN D 18 18.05 -20.30 1.46
C GLN D 18 19.02 -21.41 1.82
N GLY D 19 19.17 -22.35 0.89
CA GLY D 19 20.11 -23.43 1.04
C GLY D 19 20.40 -23.98 -0.33
N LYS D 20 21.47 -24.76 -0.42
CA LYS D 20 21.86 -25.42 -1.66
C LYS D 20 22.55 -26.74 -1.35
N ILE D 21 22.06 -27.81 -1.97
CA ILE D 21 22.52 -29.14 -1.64
C ILE D 21 23.65 -29.51 -2.57
N VAL D 22 24.59 -30.30 -2.10
CA VAL D 22 25.59 -30.87 -2.99
C VAL D 22 26.04 -32.22 -2.44
N GLY D 23 25.93 -33.24 -3.28
CA GLY D 23 26.10 -34.63 -2.81
C GLY D 23 25.10 -34.95 -1.73
N ASN D 24 25.60 -35.34 -0.57
CA ASN D 24 24.71 -35.57 0.57
C ASN D 24 24.75 -34.45 1.61
N LEU D 25 24.99 -33.25 1.12
CA LEU D 25 25.36 -32.14 1.97
C LEU D 25 24.45 -30.97 1.72
N LEU D 26 23.83 -30.47 2.79
CA LEU D 26 23.12 -29.20 2.72
C LEU D 26 23.97 -28.13 3.36
N PHE D 27 24.27 -27.12 2.56
CA PHE D 27 24.86 -25.90 3.02
C PHE D 27 23.72 -24.87 3.04
N ALA D 28 23.30 -24.46 4.23
CA ALA D 28 22.25 -23.46 4.31
C ALA D 28 22.83 -22.07 4.55
N SER D 29 22.18 -21.05 3.99
CA SER D 29 22.55 -19.67 4.26
C SER D 29 22.49 -19.31 5.73
N GLY D 30 23.21 -18.28 6.15
CA GLY D 30 23.10 -17.84 7.54
C GLY D 30 21.67 -17.46 7.78
N GLN D 31 21.09 -17.94 8.88
CA GLN D 31 19.77 -17.44 9.35
C GLN D 31 19.85 -16.41 10.44
N VAL D 32 18.96 -15.44 10.37
CA VAL D 32 18.92 -14.37 11.31
C VAL D 32 17.51 -14.40 11.94
N PRO D 33 17.25 -13.63 13.00
CA PRO D 33 15.97 -13.81 13.66
C PRO D 33 14.78 -13.07 13.06
N LEU D 34 14.44 -13.36 11.80
CA LEU D 34 13.36 -12.69 11.12
C LEU D 34 12.15 -13.57 10.90
N SER D 35 10.97 -12.97 10.89
CA SER D 35 9.79 -13.76 10.65
C SER D 35 9.58 -13.94 9.16
N PRO D 36 9.37 -15.18 8.72
CA PRO D 36 9.04 -15.42 7.30
C PRO D 36 7.76 -14.69 6.84
N GLU D 37 6.93 -14.26 7.79
CA GLU D 37 5.66 -13.63 7.41
C GLU D 37 5.61 -12.10 7.37
N THR D 38 6.30 -11.44 8.29
CA THR D 38 6.19 -9.99 8.42
C THR D 38 7.49 -9.36 8.01
N GLY D 39 8.51 -10.21 7.97
CA GLY D 39 9.84 -9.81 7.54
C GLY D 39 10.56 -8.98 8.57
N GLN D 40 10.06 -8.96 9.81
CA GLN D 40 10.68 -8.16 10.86
C GLN D 40 11.50 -8.99 11.84
N VAL D 41 12.33 -8.30 12.61
CA VAL D 41 13.07 -8.95 13.66
C VAL D 41 12.06 -9.48 14.65
N ILE D 42 12.30 -10.70 15.12
CA ILE D 42 11.53 -11.21 16.23
C ILE D 42 12.36 -11.40 17.47
N GLY D 43 11.78 -11.07 18.61
CA GLY D 43 12.48 -11.11 19.89
C GLY D 43 13.24 -9.82 20.21
N THR D 44 13.38 -9.55 21.50
CA THR D 44 14.26 -8.47 21.95
C THR D 44 15.43 -9.00 22.73
N THR D 45 15.29 -10.20 23.29
CA THR D 45 16.35 -10.87 24.02
C THR D 45 17.07 -11.82 23.07
N ILE D 46 18.25 -12.29 23.47
CA ILE D 46 18.95 -13.30 22.69
C ILE D 46 18.22 -14.64 22.71
N GLU D 47 17.47 -14.88 23.78
CA GLU D 47 16.58 -16.06 23.86
C GLU D 47 15.61 -16.14 22.70
N GLU D 48 14.76 -15.12 22.57
CA GLU D 48 13.68 -15.11 21.59
C GLU D 48 14.30 -15.09 20.23
N GLN D 49 15.35 -14.30 20.08
CA GLN D 49 16.03 -14.21 18.80
C GLN D 49 16.60 -15.56 18.31
N THR D 50 17.34 -16.26 19.18
CA THR D 50 17.81 -17.60 18.90
C THR D 50 16.66 -18.57 18.63
N GLN D 51 15.54 -18.38 19.32
CA GLN D 51 14.34 -19.13 19.00
C GLN D 51 13.94 -18.96 17.54
N GLN D 52 13.78 -17.72 17.11
CA GLN D 52 13.41 -17.44 15.71
C GLN D 52 14.41 -18.03 14.72
N VAL D 53 15.69 -17.73 14.94
CA VAL D 53 16.76 -18.31 14.12
C VAL D 53 16.62 -19.83 13.97
N LEU D 54 16.31 -20.55 15.07
CA LEU D 54 16.26 -22.00 15.03
C LEU D 54 15.02 -22.48 14.28
N LYS D 55 13.94 -21.71 14.37
CA LYS D 55 12.75 -22.00 13.55
C LYS D 55 13.05 -21.95 12.06
N ASN D 56 13.71 -20.88 11.63
CA ASN D 56 14.14 -20.72 10.24
C ASN D 56 15.05 -21.82 9.76
N ILE D 57 16.11 -22.09 10.52
CA ILE D 57 16.91 -23.29 10.24
C ILE D 57 16.01 -24.53 10.06
N SER D 58 15.08 -24.72 10.98
CA SER D 58 14.24 -25.92 11.01
C SER D 58 13.42 -26.06 9.75
N ALA D 59 12.73 -24.99 9.38
CA ALA D 59 12.00 -24.97 8.13
C ALA D 59 12.93 -25.38 6.98
N ILE D 60 14.17 -24.92 7.01
CA ILE D 60 15.04 -25.23 5.89
C ILE D 60 15.44 -26.69 5.90
N LEU D 61 15.88 -27.19 7.05
CA LEU D 61 16.21 -28.62 7.18
C LEU D 61 15.04 -29.48 6.70
N THR D 62 13.82 -29.13 7.13
CA THR D 62 12.67 -29.90 6.70
C THR D 62 12.62 -29.87 5.17
N GLU D 63 12.68 -28.69 4.59
CA GLU D 63 12.46 -28.57 3.15
C GLU D 63 13.49 -29.38 2.37
N ALA D 64 14.62 -29.61 3.01
CA ALA D 64 15.74 -30.22 2.36
C ALA D 64 15.77 -31.75 2.56
N GLY D 65 14.90 -32.22 3.47
CA GLY D 65 14.86 -33.63 3.85
C GLY D 65 16.01 -33.93 4.79
N THR D 66 16.14 -33.12 5.84
CA THR D 66 17.08 -33.41 6.90
C THR D 66 16.51 -32.81 8.17
N ASP D 67 17.23 -32.91 9.28
CA ASP D 67 16.73 -32.42 10.56
C ASP D 67 17.92 -32.06 11.43
N PHE D 68 17.68 -31.65 12.66
CA PHE D 68 18.78 -31.26 13.56
C PHE D 68 19.81 -32.35 13.92
N ASP D 69 19.34 -33.60 14.07
CA ASP D 69 20.25 -34.71 14.33
C ASP D 69 21.28 -34.84 13.22
N HIS D 70 20.98 -34.32 12.06
CA HIS D 70 21.86 -34.47 10.94
C HIS D 70 22.69 -33.23 10.60
N VAL D 71 22.67 -32.25 11.50
CA VAL D 71 23.53 -31.06 11.35
C VAL D 71 24.93 -31.50 11.72
N VAL D 72 25.91 -31.18 10.87
CA VAL D 72 27.27 -31.62 11.15
C VAL D 72 28.11 -30.53 11.75
N LYS D 73 27.84 -29.27 11.38
CA LYS D 73 28.73 -28.18 11.75
C LYS D 73 27.93 -26.89 11.68
N THR D 74 28.10 -26.03 12.67
CA THR D 74 27.46 -24.73 12.66
C THR D 74 28.49 -23.68 12.98
N THR D 75 28.23 -22.44 12.54
CA THR D 75 29.04 -21.31 12.96
C THR D 75 28.07 -20.33 13.55
N CYS D 76 28.39 -19.79 14.71
CA CYS D 76 27.48 -18.92 15.46
C CYS D 76 28.07 -17.53 15.60
N PHE D 77 27.46 -16.60 14.89
CA PHE D 77 27.90 -15.22 14.85
C PHE D 77 27.06 -14.45 15.89
N LEU D 78 27.72 -13.92 16.92
CA LEU D 78 27.04 -13.13 17.94
C LEU D 78 27.52 -11.67 17.85
N SER D 79 26.61 -10.72 18.00
CA SER D 79 27.01 -9.32 18.13
C SER D 79 27.64 -9.04 19.49
N ASP D 80 27.30 -9.85 20.48
CA ASP D 80 27.98 -9.73 21.78
C ASP D 80 28.29 -11.08 22.45
N ILE D 81 29.57 -11.46 22.44
CA ILE D 81 30.00 -12.71 23.06
C ILE D 81 29.49 -12.88 24.50
N ASP D 82 29.28 -11.78 25.22
CA ASP D 82 28.67 -11.91 26.53
C ASP D 82 27.30 -12.56 26.52
N ASP D 83 26.64 -12.51 25.38
CA ASP D 83 25.37 -13.19 25.28
C ASP D 83 25.50 -14.71 25.29
N PHE D 84 26.71 -15.23 25.44
CA PHE D 84 26.89 -16.64 25.10
C PHE D 84 26.06 -17.60 25.93
N VAL D 85 26.14 -17.48 27.27
CA VAL D 85 25.57 -18.50 28.13
C VAL D 85 24.11 -18.71 27.80
N PRO D 86 23.30 -17.63 27.73
CA PRO D 86 21.88 -17.85 27.45
C PRO D 86 21.60 -18.21 26.00
N PHE D 87 22.44 -17.76 25.08
CA PHE D 87 22.34 -18.27 23.71
C PHE D 87 22.47 -19.80 23.72
N ASN D 88 23.55 -20.25 24.34
CA ASN D 88 23.85 -21.66 24.50
C ASN D 88 22.68 -22.51 25.05
N GLU D 89 21.99 -22.01 26.08
CA GLU D 89 20.80 -22.69 26.61
C GLU D 89 19.65 -22.91 25.62
N VAL D 90 19.39 -21.91 24.79
CA VAL D 90 18.34 -22.03 23.81
C VAL D 90 18.78 -22.97 22.68
N TYR D 91 20.01 -22.79 22.22
CA TYR D 91 20.59 -23.59 21.16
C TYR D 91 20.41 -25.08 21.40
N ALA D 92 20.55 -25.47 22.66
CA ALA D 92 20.50 -26.88 23.04
C ALA D 92 19.15 -27.55 22.79
N THR D 93 18.09 -26.77 22.79
CA THR D 93 16.75 -27.29 22.73
C THR D 93 16.39 -27.66 21.31
N ALA D 94 17.23 -27.28 20.36
CA ALA D 94 17.05 -27.76 19.00
C ALA D 94 17.55 -29.19 18.90
N PHE D 95 18.50 -29.53 19.75
CA PHE D 95 19.11 -30.84 19.68
C PHE D 95 18.62 -31.71 20.84
N LYS D 96 18.57 -33.01 20.61
CA LYS D 96 18.46 -33.92 21.72
C LYS D 96 19.85 -34.46 22.08
N SER D 97 20.24 -35.46 21.30
CA SER D 97 21.23 -36.47 21.65
C SER D 97 22.52 -36.17 20.91
N ASP D 98 22.40 -35.93 19.60
CA ASP D 98 23.56 -35.70 18.73
C ASP D 98 23.77 -34.22 18.55
N PHE D 99 25.01 -33.77 18.74
CA PHE D 99 25.37 -32.38 18.61
C PHE D 99 26.37 -32.19 17.47
N PRO D 100 26.26 -31.08 16.71
CA PRO D 100 27.25 -30.86 15.65
C PRO D 100 28.50 -30.18 16.19
N ALA D 101 29.55 -30.11 15.38
CA ALA D 101 30.69 -29.30 15.76
C ALA D 101 30.24 -27.84 15.63
N ARG D 102 31.01 -26.92 16.21
CA ARG D 102 30.58 -25.55 16.35
C ARG D 102 31.75 -24.58 16.44
N SER D 103 31.62 -23.42 15.82
CA SER D 103 32.51 -22.33 16.12
C SER D 103 31.61 -21.18 16.48
N ALA D 104 32.06 -20.33 17.39
CA ALA D 104 31.32 -19.13 17.83
C ALA D 104 32.25 -17.92 17.84
N VAL D 105 31.78 -16.78 17.34
CA VAL D 105 32.63 -15.61 17.30
C VAL D 105 31.79 -14.38 17.48
N GLU D 106 32.46 -13.30 17.83
CA GLU D 106 31.78 -12.05 17.84
C GLU D 106 32.13 -11.21 16.62
N VAL D 107 31.10 -10.83 15.87
CA VAL D 107 31.32 -10.08 14.66
C VAL D 107 31.15 -8.59 15.01
N ALA D 108 31.74 -7.72 14.18
CA ALA D 108 31.58 -6.30 14.36
C ALA D 108 30.10 -5.96 14.44
N ARG D 109 29.29 -6.59 13.58
CA ARG D 109 27.92 -6.15 13.32
C ARG D 109 27.13 -7.15 12.46
N LEU D 110 25.84 -7.26 12.73
CA LEU D 110 24.98 -8.16 11.97
C LEU D 110 23.80 -7.39 11.30
N PRO D 111 23.31 -7.91 10.15
CA PRO D 111 22.24 -7.20 9.43
C PRO D 111 21.12 -6.82 10.39
N LYS D 112 20.55 -5.63 10.20
CA LYS D 112 19.46 -5.09 11.03
C LYS D 112 19.81 -5.01 12.51
N ASP D 113 21.07 -5.29 12.83
CA ASP D 113 21.56 -5.17 14.21
C ASP D 113 21.09 -6.26 15.19
N VAL D 114 20.64 -7.39 14.64
CA VAL D 114 20.21 -8.49 15.49
C VAL D 114 21.34 -9.02 16.34
N LYS D 115 21.02 -9.90 17.28
CA LYS D 115 22.01 -10.40 18.23
C LYS D 115 22.76 -11.64 17.74
N ILE D 116 22.16 -12.40 16.83
CA ILE D 116 22.63 -13.74 16.55
C ILE D 116 22.33 -14.16 15.11
N GLU D 117 23.36 -14.62 14.42
CA GLU D 117 23.19 -15.31 13.14
C GLU D 117 23.87 -16.68 13.24
N ILE D 118 23.19 -17.72 12.74
CA ILE D 118 23.74 -19.08 12.72
C ILE D 118 23.73 -19.69 11.33
N GLU D 119 24.90 -20.15 10.87
CA GLU D 119 24.99 -20.95 9.66
C GLU D 119 25.22 -22.42 9.96
N VAL D 120 24.45 -23.29 9.30
CA VAL D 120 24.59 -24.73 9.48
C VAL D 120 24.97 -25.49 8.22
N ILE D 121 25.60 -26.64 8.44
CA ILE D 121 25.83 -27.60 7.38
C ILE D 121 25.31 -28.96 7.83
N ALA D 122 24.49 -29.58 6.98
CA ALA D 122 23.77 -30.78 7.38
C ALA D 122 23.93 -31.92 6.36
N GLU D 123 24.04 -33.14 6.85
CA GLU D 123 23.99 -34.27 5.97
C GLU D 123 22.53 -34.55 5.76
N LEU D 124 22.14 -34.75 4.50
CA LEU D 124 20.76 -35.22 4.18
C LEU D 124 20.42 -36.56 4.84
N ILE D 125 19.24 -36.66 5.43
CA ILE D 125 18.71 -37.93 5.92
C ILE D 125 18.76 -38.92 4.78
N LYS E 2 29.02 -39.72 12.77
CA LYS E 2 29.94 -40.13 13.86
C LYS E 2 30.70 -38.93 14.48
N LYS E 3 30.91 -38.96 15.79
CA LYS E 3 31.58 -37.84 16.45
C LYS E 3 32.88 -38.20 17.19
N ILE E 4 33.49 -37.20 17.79
CA ILE E 4 34.84 -37.32 18.29
C ILE E 4 34.81 -36.91 19.75
N HIS E 5 35.24 -37.80 20.64
CA HIS E 5 35.80 -37.33 21.90
C HIS E 5 37.21 -37.87 22.08
N THR E 6 38.04 -37.06 22.71
CA THR E 6 39.39 -37.43 23.05
C THR E 6 39.83 -36.50 24.15
N ASP E 7 40.46 -37.08 25.17
CA ASP E 7 40.82 -36.32 26.35
C ASP E 7 42.06 -35.47 26.16
N LYS E 8 42.67 -35.54 24.98
CA LYS E 8 43.83 -34.72 24.69
C LYS E 8 43.53 -33.30 24.16
N ALA E 9 42.30 -33.11 23.68
CA ALA E 9 41.78 -31.78 23.38
C ALA E 9 40.67 -31.47 24.36
N PRO E 10 40.42 -30.18 24.63
CA PRO E 10 39.46 -29.74 25.63
C PRO E 10 38.13 -30.48 25.52
N ALA E 11 37.50 -30.79 26.64
CA ALA E 11 36.22 -31.50 26.64
C ALA E 11 35.09 -30.68 26.00
N ALA E 12 34.23 -31.35 25.25
CA ALA E 12 33.00 -30.73 24.78
C ALA E 12 32.00 -30.69 25.92
N ILE E 13 31.83 -29.53 26.51
CA ILE E 13 30.87 -29.40 27.56
C ILE E 13 29.72 -28.56 27.06
N GLY E 14 28.63 -29.22 26.71
CA GLY E 14 27.51 -28.52 26.12
C GLY E 14 27.08 -29.13 24.80
N PRO E 15 26.23 -28.41 24.07
CA PRO E 15 25.52 -28.96 22.91
C PRO E 15 26.34 -28.95 21.62
N TYR E 16 27.60 -29.41 21.68
CA TYR E 16 28.46 -29.54 20.52
C TYR E 16 29.44 -30.66 20.77
N VAL E 17 30.07 -31.14 19.70
CA VAL E 17 31.20 -32.07 19.85
C VAL E 17 32.48 -31.44 19.33
N GLN E 18 33.60 -32.04 19.70
CA GLN E 18 34.91 -31.62 19.20
C GLN E 18 35.00 -31.63 17.70
N GLY E 19 34.43 -32.64 17.07
CA GLY E 19 34.45 -32.74 15.62
C GLY E 19 33.40 -33.73 15.16
N LYS E 20 32.98 -33.60 13.91
CA LYS E 20 31.94 -34.49 13.43
C LYS E 20 32.30 -34.91 12.02
N ILE E 21 31.98 -36.15 11.70
CA ILE E 21 32.37 -36.76 10.45
C ILE E 21 31.16 -37.04 9.61
N VAL E 22 31.23 -36.61 8.35
CA VAL E 22 30.23 -36.94 7.36
C VAL E 22 30.99 -37.41 6.11
N GLY E 23 30.55 -38.49 5.46
CA GLY E 23 31.31 -39.08 4.35
C GLY E 23 32.79 -39.21 4.70
N ASN E 24 33.68 -38.62 3.90
CA ASN E 24 35.11 -38.67 4.29
C ASN E 24 35.66 -37.41 4.96
N LEU E 25 34.77 -36.47 5.28
CA LEU E 25 35.14 -35.19 5.85
C LEU E 25 34.88 -35.16 7.33
N LEU E 26 35.91 -34.73 8.06
CA LEU E 26 35.79 -34.28 9.44
C LEU E 26 35.62 -32.77 9.47
N PHE E 27 34.54 -32.32 10.11
CA PHE E 27 34.43 -30.94 10.56
C PHE E 27 34.75 -30.80 12.05
N ALA E 28 35.85 -30.12 12.37
CA ALA E 28 36.23 -29.85 13.77
C ALA E 28 35.65 -28.55 14.29
N SER E 29 35.30 -28.54 15.57
CA SER E 29 34.96 -27.30 16.25
C SER E 29 36.13 -26.33 16.30
N GLY E 30 35.82 -25.03 16.28
CA GLY E 30 36.88 -24.02 16.41
C GLY E 30 37.69 -24.27 17.68
N GLN E 31 39.00 -24.40 17.56
CA GLN E 31 39.80 -24.61 18.76
C GLN E 31 40.40 -23.30 19.24
N VAL E 32 40.30 -23.06 20.54
CA VAL E 32 40.90 -21.91 21.22
C VAL E 32 42.09 -22.41 22.03
N PRO E 33 43.00 -21.51 22.45
CA PRO E 33 44.18 -22.00 23.13
C PRO E 33 43.95 -22.35 24.62
N LEU E 34 43.18 -23.39 24.88
CA LEU E 34 42.93 -23.85 26.23
C LEU E 34 43.64 -25.16 26.49
N SER E 35 44.17 -25.31 27.70
CA SER E 35 44.65 -26.60 28.19
C SER E 35 43.54 -27.62 28.45
N PRO E 36 43.69 -28.84 27.89
CA PRO E 36 42.85 -29.98 28.21
C PRO E 36 43.12 -30.58 29.59
N GLU E 37 44.31 -30.32 30.16
CA GLU E 37 44.67 -30.88 31.47
C GLU E 37 44.36 -29.91 32.63
N THR E 38 44.66 -28.62 32.43
CA THR E 38 44.39 -27.61 33.46
C THR E 38 43.09 -26.84 33.26
N GLY E 39 42.64 -26.69 32.01
CA GLY E 39 41.42 -25.91 31.72
C GLY E 39 41.61 -24.40 31.70
N GLN E 40 42.86 -23.95 31.82
CA GLN E 40 43.25 -22.55 31.65
C GLN E 40 43.68 -22.18 30.20
N VAL E 41 43.79 -20.88 29.97
CA VAL E 41 44.33 -20.37 28.72
C VAL E 41 45.84 -20.51 28.73
N ILE E 42 46.40 -21.15 27.70
CA ILE E 42 47.83 -21.33 27.57
C ILE E 42 48.48 -20.22 26.73
N GLY E 43 49.43 -19.51 27.33
CA GLY E 43 50.17 -18.48 26.62
C GLY E 43 49.74 -17.03 26.86
N THR E 44 50.59 -16.11 26.41
CA THR E 44 50.42 -14.69 26.68
C THR E 44 50.40 -13.98 25.33
N THR E 45 51.06 -14.62 24.36
CA THR E 45 51.31 -14.07 23.04
C THR E 45 50.55 -14.86 21.97
N ILE E 46 50.40 -14.25 20.80
CA ILE E 46 49.86 -14.91 19.61
C ILE E 46 50.55 -16.26 19.30
N GLU E 47 51.88 -16.29 19.45
CA GLU E 47 52.69 -17.49 19.21
C GLU E 47 52.34 -18.60 20.18
N GLU E 48 52.27 -18.22 21.46
CA GLU E 48 52.05 -19.20 22.51
C GLU E 48 50.63 -19.75 22.37
N GLN E 49 49.68 -18.85 22.14
CA GLN E 49 48.29 -19.25 21.90
C GLN E 49 48.09 -20.09 20.63
N THR E 50 48.76 -19.71 19.53
CA THR E 50 48.64 -20.48 18.28
C THR E 50 49.13 -21.91 18.47
N GLN E 51 50.23 -22.05 19.22
CA GLN E 51 50.75 -23.35 19.58
C GLN E 51 49.71 -24.19 20.31
N GLN E 52 49.04 -23.59 21.29
CA GLN E 52 48.07 -24.37 22.04
C GLN E 52 46.88 -24.82 21.17
N VAL E 53 46.41 -23.94 20.30
CA VAL E 53 45.34 -24.29 19.37
C VAL E 53 45.73 -25.49 18.48
N LEU E 54 46.91 -25.40 17.88
CA LEU E 54 47.45 -26.46 17.05
C LEU E 54 47.54 -27.84 17.72
N LYS E 55 47.91 -27.86 19.01
CA LYS E 55 47.96 -29.12 19.78
C LYS E 55 46.55 -29.68 19.87
N ASN E 56 45.61 -28.78 20.04
CA ASN E 56 44.25 -29.18 20.17
C ASN E 56 43.72 -29.73 18.87
N ILE E 57 44.06 -29.09 17.75
CA ILE E 57 43.55 -29.59 16.48
C ILE E 57 44.06 -31.01 16.29
N SER E 58 45.39 -31.13 16.30
CA SER E 58 46.10 -32.40 16.15
C SER E 58 45.49 -33.57 16.93
N ALA E 59 45.29 -33.38 18.23
CA ALA E 59 44.63 -34.42 19.04
C ALA E 59 43.31 -34.83 18.42
N ILE E 60 42.56 -33.85 17.90
CA ILE E 60 41.27 -34.11 17.22
C ILE E 60 41.45 -34.83 15.90
N LEU E 61 42.37 -34.32 15.07
CA LEU E 61 42.77 -35.00 13.81
C LEU E 61 43.18 -36.47 14.04
N THR E 62 44.15 -36.65 14.92
CA THR E 62 44.53 -37.98 15.36
C THR E 62 43.32 -38.84 15.71
N GLU E 63 42.49 -38.40 16.66
CA GLU E 63 41.33 -39.18 17.06
C GLU E 63 40.41 -39.53 15.91
N ALA E 64 40.29 -38.64 14.94
CA ALA E 64 39.39 -38.89 13.81
C ALA E 64 40.06 -39.74 12.73
N GLY E 65 41.36 -40.01 12.90
CA GLY E 65 42.11 -40.79 11.93
C GLY E 65 42.44 -40.00 10.68
N THR E 66 43.01 -38.82 10.89
CA THR E 66 43.53 -38.00 9.80
C THR E 66 44.61 -37.13 10.42
N ASP E 67 45.23 -36.26 9.64
CA ASP E 67 46.44 -35.57 10.12
C ASP E 67 46.65 -34.22 9.45
N PHE E 68 47.64 -33.46 9.91
CA PHE E 68 47.84 -32.10 9.40
C PHE E 68 47.95 -31.99 7.89
N ASP E 69 48.62 -32.94 7.25
CA ASP E 69 48.76 -32.97 5.80
C ASP E 69 47.45 -33.19 5.05
N HIS E 70 46.45 -33.75 5.74
CA HIS E 70 45.19 -34.07 5.11
C HIS E 70 44.05 -33.04 5.37
N VAL E 71 44.43 -31.91 6.00
CA VAL E 71 43.54 -30.75 6.15
C VAL E 71 43.22 -30.06 4.83
N VAL E 72 41.93 -29.89 4.55
CA VAL E 72 41.54 -29.20 3.34
C VAL E 72 41.37 -27.68 3.46
N LYS E 73 40.89 -27.19 4.59
CA LYS E 73 40.42 -25.82 4.65
C LYS E 73 40.42 -25.40 6.11
N THR E 74 40.96 -24.22 6.38
CA THR E 74 40.87 -23.68 7.70
C THR E 74 40.29 -22.28 7.60
N THR E 75 39.76 -21.79 8.71
CA THR E 75 39.42 -20.41 8.88
C THR E 75 40.07 -19.99 10.21
N CYS E 76 40.96 -19.01 10.13
CA CYS E 76 41.72 -18.55 11.28
C CYS E 76 41.10 -17.24 11.79
N PHE E 77 40.41 -17.32 12.93
CA PHE E 77 39.82 -16.13 13.55
C PHE E 77 40.77 -15.46 14.56
N LEU E 78 41.10 -14.19 14.29
CA LEU E 78 42.06 -13.44 15.07
C LEU E 78 41.40 -12.28 15.79
N SER E 79 41.92 -11.96 16.97
CA SER E 79 41.42 -10.83 17.77
C SER E 79 42.01 -9.47 17.36
N ASP E 80 43.15 -9.53 16.67
CA ASP E 80 43.89 -8.37 16.15
C ASP E 80 44.64 -8.92 14.95
N ILE E 81 44.33 -8.41 13.76
CA ILE E 81 45.01 -8.83 12.53
C ILE E 81 46.49 -8.44 12.46
N ASP E 82 46.91 -7.53 13.35
CA ASP E 82 48.32 -7.14 13.41
C ASP E 82 49.22 -8.30 13.84
N ASP E 83 48.62 -9.27 14.52
CA ASP E 83 49.32 -10.47 14.95
C ASP E 83 49.64 -11.41 13.78
N PHE E 84 49.40 -10.98 12.54
CA PHE E 84 49.34 -11.95 11.44
C PHE E 84 50.65 -12.67 11.23
N VAL E 85 51.71 -11.91 11.01
CA VAL E 85 53.00 -12.49 10.66
C VAL E 85 53.52 -13.51 11.68
N PRO E 86 53.57 -13.13 12.98
CA PRO E 86 53.89 -14.11 14.01
C PRO E 86 52.89 -15.28 14.14
N PHE E 87 51.62 -15.08 13.80
CA PHE E 87 50.64 -16.15 13.87
C PHE E 87 51.00 -17.12 12.78
N ASN E 88 51.25 -16.54 11.62
CA ASN E 88 51.50 -17.31 10.44
C ASN E 88 52.78 -18.15 10.57
N GLU E 89 53.83 -17.55 11.14
CA GLU E 89 55.08 -18.25 11.44
C GLU E 89 54.82 -19.57 12.15
N VAL E 90 54.00 -19.51 13.20
CA VAL E 90 53.67 -20.69 14.02
C VAL E 90 52.71 -21.64 13.29
N TYR E 91 51.64 -21.09 12.74
CA TYR E 91 50.78 -21.85 11.86
C TYR E 91 51.61 -22.75 10.96
N ALA E 92 52.65 -22.15 10.35
CA ALA E 92 53.43 -22.82 9.30
C ALA E 92 54.16 -24.06 9.79
N THR E 93 54.43 -24.12 11.08
CA THR E 93 55.23 -25.21 11.63
C THR E 93 54.42 -26.51 11.81
N ALA E 94 53.10 -26.46 11.63
CA ALA E 94 52.28 -27.69 11.68
C ALA E 94 52.29 -28.46 10.37
N PHE E 95 52.50 -27.74 9.27
CA PHE E 95 52.53 -28.38 7.97
C PHE E 95 53.97 -28.61 7.46
N LYS E 96 54.16 -29.70 6.73
CA LYS E 96 55.40 -29.90 6.00
C LYS E 96 55.15 -29.55 4.54
N SER E 97 54.61 -30.54 3.83
CA SER E 97 54.43 -30.42 2.38
C SER E 97 53.10 -29.74 2.02
N ASP E 98 52.01 -30.25 2.57
CA ASP E 98 50.70 -29.94 2.04
C ASP E 98 50.09 -28.81 2.85
N PHE E 99 49.76 -27.70 2.19
CA PHE E 99 49.00 -26.67 2.87
C PHE E 99 47.52 -26.77 2.61
N PRO E 100 46.72 -26.42 3.62
CA PRO E 100 45.29 -26.39 3.37
C PRO E 100 44.86 -25.03 2.81
N ALA E 101 43.68 -24.95 2.20
CA ALA E 101 43.11 -23.65 1.85
C ALA E 101 42.85 -22.87 3.12
N ARG E 102 43.01 -21.56 3.05
CA ARG E 102 42.87 -20.74 4.21
C ARG E 102 42.09 -19.44 4.04
N SER E 103 41.43 -19.04 5.13
CA SER E 103 40.99 -17.66 5.34
C SER E 103 41.40 -17.20 6.72
N ALA E 104 41.80 -15.95 6.83
CA ALA E 104 42.14 -15.34 8.13
C ALA E 104 41.56 -13.95 8.25
N VAL E 105 40.71 -13.74 9.25
CA VAL E 105 40.09 -12.44 9.50
C VAL E 105 40.12 -12.01 10.98
N GLU E 106 40.19 -10.71 11.21
CA GLU E 106 39.98 -10.18 12.54
C GLU E 106 38.50 -10.16 12.84
N VAL E 107 38.12 -10.80 13.93
CA VAL E 107 36.77 -10.69 14.45
C VAL E 107 36.81 -9.71 15.62
N ALA E 108 35.64 -9.24 16.10
CA ALA E 108 35.60 -8.29 17.21
C ALA E 108 36.09 -8.90 18.53
N ARG E 109 35.69 -10.13 18.81
CA ARG E 109 36.01 -10.78 20.09
C ARG E 109 35.89 -12.31 19.97
N LEU E 110 36.61 -13.04 20.82
CA LEU E 110 36.55 -14.51 20.85
C LEU E 110 36.22 -15.02 22.24
N PRO E 111 35.81 -16.29 22.37
CA PRO E 111 35.55 -16.81 23.72
C PRO E 111 36.71 -16.52 24.65
N LYS E 112 36.40 -16.30 25.93
CA LYS E 112 37.38 -16.00 26.98
C LYS E 112 38.49 -15.01 26.57
N ASP E 113 38.19 -14.16 25.57
CA ASP E 113 39.09 -13.10 25.08
C ASP E 113 40.43 -13.49 24.47
N VAL E 114 40.53 -14.75 24.06
CA VAL E 114 41.75 -15.24 23.42
C VAL E 114 42.03 -14.52 22.09
N LYS E 115 43.24 -14.70 21.58
CA LYS E 115 43.75 -13.97 20.42
C LYS E 115 43.51 -14.74 19.12
N ILE E 116 43.17 -16.04 19.25
CA ILE E 116 43.11 -16.94 18.11
C ILE E 116 42.10 -18.10 18.25
N GLU E 117 41.24 -18.27 17.24
CA GLU E 117 40.45 -19.50 17.07
C GLU E 117 40.60 -20.02 15.63
N ILE E 118 40.79 -21.33 15.48
CA ILE E 118 40.92 -21.97 14.19
C ILE E 118 39.99 -23.14 14.09
N GLU E 119 39.26 -23.19 12.96
CA GLU E 119 38.49 -24.38 12.59
C GLU E 119 39.09 -25.03 11.35
N VAL E 120 38.89 -26.33 11.22
CA VAL E 120 39.49 -27.09 10.11
C VAL E 120 38.47 -28.05 9.56
N ILE E 121 38.57 -28.26 8.26
CA ILE E 121 37.95 -29.38 7.58
C ILE E 121 39.06 -30.30 7.01
N ALA E 122 38.94 -31.61 7.29
CA ALA E 122 39.98 -32.56 6.96
C ALA E 122 39.46 -33.84 6.33
N GLU E 123 40.28 -34.41 5.45
CA GLU E 123 39.94 -35.67 4.80
C GLU E 123 40.36 -36.84 5.67
N LEU E 124 39.50 -37.85 5.77
CA LEU E 124 39.88 -39.06 6.47
C LEU E 124 40.96 -39.85 5.69
N ILE E 125 42.19 -39.80 6.17
CA ILE E 125 43.25 -40.71 5.74
C ILE E 125 42.65 -42.08 5.53
N LYS F 2 45.13 -32.97 -3.62
CA LYS F 2 45.22 -32.25 -4.93
C LYS F 2 44.98 -30.72 -4.87
N LYS F 3 45.98 -29.95 -5.28
CA LYS F 3 45.99 -28.49 -5.10
C LYS F 3 45.75 -27.67 -6.38
N ILE F 4 45.30 -26.42 -6.20
CA ILE F 4 45.20 -25.43 -7.27
C ILE F 4 46.30 -24.37 -7.11
N HIS F 5 47.10 -24.19 -8.15
CA HIS F 5 47.95 -22.98 -8.30
C HIS F 5 47.63 -22.41 -9.69
N THR F 6 47.45 -21.09 -9.78
CA THR F 6 47.34 -20.41 -11.08
C THR F 6 47.82 -18.97 -10.97
N ASP F 7 48.71 -18.58 -11.88
CA ASP F 7 49.26 -17.21 -11.83
C ASP F 7 48.21 -16.15 -12.15
N LYS F 8 47.01 -16.61 -12.49
CA LYS F 8 45.93 -15.72 -12.91
C LYS F 8 45.18 -15.17 -11.69
N ALA F 9 45.50 -15.68 -10.51
CA ALA F 9 44.99 -15.17 -9.23
C ALA F 9 46.19 -14.92 -8.33
N PRO F 10 46.01 -14.09 -7.28
CA PRO F 10 47.16 -13.73 -6.43
C PRO F 10 47.80 -14.93 -5.70
N ALA F 11 49.13 -14.93 -5.70
CA ALA F 11 49.88 -16.12 -5.35
C ALA F 11 49.80 -16.42 -3.87
N ALA F 12 49.80 -17.71 -3.57
CA ALA F 12 49.70 -18.16 -2.20
C ALA F 12 51.05 -17.97 -1.55
N ILE F 13 51.18 -16.87 -0.82
CA ILE F 13 52.39 -16.57 -0.09
C ILE F 13 52.37 -17.19 1.33
N GLY F 14 53.07 -18.32 1.46
CA GLY F 14 53.28 -18.95 2.76
C GLY F 14 52.56 -20.28 2.94
N PRO F 15 52.02 -20.50 4.13
CA PRO F 15 51.52 -21.83 4.46
C PRO F 15 50.04 -21.98 4.15
N TYR F 16 49.71 -21.91 2.86
CA TYR F 16 48.36 -22.20 2.36
C TYR F 16 48.38 -22.15 0.82
N VAL F 17 47.37 -22.76 0.17
CA VAL F 17 47.18 -22.67 -1.28
C VAL F 17 45.92 -21.88 -1.71
N GLN F 18 45.87 -21.55 -2.98
CA GLN F 18 44.75 -20.79 -3.51
C GLN F 18 43.49 -21.60 -3.29
N GLY F 19 43.59 -22.91 -3.50
CA GLY F 19 42.42 -23.81 -3.40
C GLY F 19 42.82 -25.24 -3.14
N LYS F 20 41.95 -26.00 -2.51
CA LYS F 20 42.19 -27.42 -2.34
C LYS F 20 40.94 -28.15 -2.79
N ILE F 21 41.13 -29.24 -3.53
CA ILE F 21 40.07 -30.18 -3.86
C ILE F 21 40.04 -31.35 -2.87
N VAL F 22 38.83 -31.78 -2.51
CA VAL F 22 38.62 -33.10 -1.96
C VAL F 22 37.31 -33.64 -2.54
N GLY F 23 37.26 -34.96 -2.81
CA GLY F 23 36.13 -35.55 -3.50
C GLY F 23 35.84 -34.77 -4.75
N ASN F 24 34.57 -34.37 -4.93
CA ASN F 24 34.12 -33.42 -5.96
C ASN F 24 34.06 -31.95 -5.56
N LEU F 25 34.60 -31.58 -4.41
CA LEU F 25 34.44 -30.21 -3.95
C LEU F 25 35.74 -29.40 -3.99
N LEU F 26 35.65 -28.21 -4.55
CA LEU F 26 36.72 -27.25 -4.36
C LEU F 26 36.45 -26.36 -3.13
N PHE F 27 37.42 -26.33 -2.18
CA PHE F 27 37.46 -25.32 -1.13
C PHE F 27 38.53 -24.27 -1.44
N ALA F 28 38.10 -23.11 -1.91
CA ALA F 28 39.01 -22.03 -2.27
C ALA F 28 39.36 -21.19 -1.03
N SER F 29 40.58 -20.65 -1.02
CA SER F 29 40.95 -19.70 0.00
C SER F 29 40.22 -18.40 -0.22
N GLY F 30 39.99 -17.66 0.86
CA GLY F 30 39.31 -16.38 0.76
C GLY F 30 40.06 -15.51 -0.22
N GLN F 31 39.33 -14.93 -1.18
CA GLN F 31 39.95 -14.02 -2.13
C GLN F 31 39.68 -12.57 -1.77
N VAL F 32 40.72 -11.77 -1.91
CA VAL F 32 40.71 -10.35 -1.58
C VAL F 32 41.04 -9.61 -2.89
N PRO F 33 40.77 -8.29 -2.97
CA PRO F 33 40.86 -7.62 -4.25
C PRO F 33 42.29 -7.16 -4.56
N LEU F 34 43.19 -8.13 -4.72
CA LEU F 34 44.57 -7.87 -5.06
C LEU F 34 44.82 -8.10 -6.54
N SER F 35 45.85 -7.44 -7.07
CA SER F 35 46.33 -7.74 -8.40
C SER F 35 47.16 -9.03 -8.44
N PRO F 36 46.93 -9.89 -9.46
CA PRO F 36 47.70 -11.14 -9.51
C PRO F 36 49.22 -10.94 -9.60
N GLU F 37 49.66 -9.93 -10.34
CA GLU F 37 50.83 -9.15 -9.93
C GLU F 37 50.53 -8.01 -10.84
N THR F 38 50.48 -6.79 -10.33
CA THR F 38 51.30 -6.17 -9.26
C THR F 38 51.44 -6.71 -7.82
N GLY F 39 50.33 -7.16 -7.22
CA GLY F 39 50.31 -7.47 -5.77
C GLY F 39 49.46 -6.51 -4.94
N GLN F 40 48.95 -5.47 -5.60
CA GLN F 40 48.38 -4.30 -4.94
C GLN F 40 46.87 -4.39 -4.80
N VAL F 41 46.33 -3.69 -3.83
CA VAL F 41 44.91 -3.52 -3.79
C VAL F 41 44.47 -2.93 -5.12
N ILE F 42 43.48 -3.56 -5.74
CA ILE F 42 42.77 -2.96 -6.87
C ILE F 42 41.44 -2.38 -6.38
N GLY F 43 41.12 -1.14 -6.75
CA GLY F 43 39.82 -0.52 -6.38
C GLY F 43 39.74 0.29 -5.08
N THR F 44 38.83 1.27 -5.06
CA THR F 44 38.57 2.09 -3.85
C THR F 44 37.16 1.88 -3.33
N THR F 45 36.19 1.81 -4.24
CA THR F 45 34.81 1.50 -3.88
C THR F 45 34.65 0.01 -3.66
N ILE F 46 33.65 -0.32 -2.85
CA ILE F 46 33.24 -1.70 -2.66
C ILE F 46 32.88 -2.37 -3.98
N GLU F 47 32.36 -1.61 -4.92
CA GLU F 47 32.06 -2.14 -6.22
C GLU F 47 33.33 -2.62 -6.91
N GLU F 48 34.37 -1.77 -6.93
CA GLU F 48 35.59 -2.08 -7.68
C GLU F 48 36.32 -3.20 -6.97
N GLN F 49 36.34 -3.16 -5.64
CA GLN F 49 36.98 -4.23 -4.92
C GLN F 49 36.31 -5.58 -5.18
N THR F 50 35.00 -5.61 -5.01
CA THR F 50 34.20 -6.78 -5.33
C THR F 50 34.44 -7.33 -6.75
N GLN F 51 34.53 -6.45 -7.73
CA GLN F 51 34.80 -6.89 -9.10
C GLN F 51 36.16 -7.61 -9.17
N GLN F 52 37.16 -7.07 -8.49
CA GLN F 52 38.48 -7.70 -8.43
C GLN F 52 38.45 -9.04 -7.71
N VAL F 53 37.77 -9.10 -6.56
CA VAL F 53 37.60 -10.37 -5.83
C VAL F 53 37.03 -11.45 -6.74
N LEU F 54 35.93 -11.11 -7.42
CA LEU F 54 35.31 -12.03 -8.37
C LEU F 54 36.24 -12.53 -9.48
N LYS F 55 36.97 -11.61 -10.12
CA LYS F 55 37.96 -12.00 -11.13
C LYS F 55 38.88 -13.06 -10.52
N ASN F 56 39.36 -12.80 -9.31
CA ASN F 56 40.29 -13.72 -8.65
C ASN F 56 39.70 -15.10 -8.36
N ILE F 57 38.40 -15.13 -8.02
CA ILE F 57 37.72 -16.39 -7.75
C ILE F 57 37.55 -17.11 -9.06
N SER F 58 37.15 -16.36 -10.09
CA SER F 58 36.93 -16.96 -11.39
C SER F 58 38.18 -17.67 -11.90
N ALA F 59 39.34 -17.06 -11.73
CA ALA F 59 40.61 -17.65 -12.20
C ALA F 59 40.91 -18.95 -11.49
N ILE F 60 40.63 -19.01 -10.20
CA ILE F 60 40.89 -20.22 -9.43
C ILE F 60 39.89 -21.29 -9.84
N LEU F 61 38.67 -20.89 -10.17
CA LEU F 61 37.62 -21.86 -10.54
C LEU F 61 37.89 -22.47 -11.89
N THR F 62 38.24 -21.62 -12.85
CA THR F 62 38.59 -22.07 -14.18
C THR F 62 39.72 -23.06 -14.04
N GLU F 63 40.76 -22.66 -13.33
CA GLU F 63 41.88 -23.54 -13.11
C GLU F 63 41.43 -24.88 -12.48
N ALA F 64 40.37 -24.86 -11.68
CA ALA F 64 39.95 -26.05 -10.98
C ALA F 64 39.07 -26.94 -11.84
N GLY F 65 38.62 -26.43 -12.97
CA GLY F 65 37.63 -27.14 -13.77
C GLY F 65 36.25 -27.05 -13.14
N THR F 66 35.85 -25.83 -12.77
CA THR F 66 34.46 -25.49 -12.43
C THR F 66 34.12 -24.02 -12.81
N ASP F 67 32.90 -23.57 -12.59
CA ASP F 67 32.57 -22.15 -12.81
C ASP F 67 31.64 -21.57 -11.73
N PHE F 68 31.22 -20.31 -11.91
CA PHE F 68 30.33 -19.68 -10.96
C PHE F 68 29.03 -20.45 -10.76
N ASP F 69 28.54 -21.06 -11.83
CA ASP F 69 27.24 -21.75 -11.77
C ASP F 69 27.35 -23.06 -10.98
N HIS F 70 28.54 -23.39 -10.50
CA HIS F 70 28.72 -24.63 -9.73
C HIS F 70 29.18 -24.35 -8.30
N VAL F 71 29.16 -23.08 -7.93
CA VAL F 71 29.46 -22.67 -6.56
C VAL F 71 28.27 -23.03 -5.71
N VAL F 72 28.47 -23.77 -4.62
CA VAL F 72 27.36 -24.14 -3.73
C VAL F 72 27.15 -23.14 -2.61
N LYS F 73 28.25 -22.55 -2.14
CA LYS F 73 28.24 -21.74 -0.94
C LYS F 73 29.38 -20.70 -0.93
N THR F 74 29.10 -19.49 -0.47
CA THR F 74 30.12 -18.47 -0.31
C THR F 74 30.08 -17.83 1.08
N THR F 75 31.23 -17.41 1.60
CA THR F 75 31.26 -16.56 2.79
C THR F 75 31.89 -15.21 2.49
N CYS F 76 31.12 -14.15 2.71
CA CYS F 76 31.51 -12.82 2.32
C CYS F 76 31.75 -12.04 3.58
N PHE F 77 33.03 -11.77 3.82
CA PHE F 77 33.48 -10.97 4.93
C PHE F 77 33.63 -9.52 4.45
N LEU F 78 32.83 -8.63 5.03
CA LEU F 78 32.82 -7.24 4.63
C LEU F 78 33.44 -6.44 5.75
N SER F 79 34.00 -5.28 5.41
CA SER F 79 34.51 -4.35 6.42
C SER F 79 33.43 -3.42 6.98
N ASP F 80 32.42 -3.11 6.16
CA ASP F 80 31.33 -2.29 6.62
C ASP F 80 30.05 -2.79 5.98
N ILE F 81 29.15 -3.30 6.81
CA ILE F 81 27.88 -3.85 6.36
C ILE F 81 26.95 -2.82 5.68
N ASP F 82 27.26 -1.52 5.83
CA ASP F 82 26.50 -0.48 5.11
C ASP F 82 26.79 -0.60 3.65
N ASP F 83 27.84 -1.36 3.30
CA ASP F 83 28.21 -1.56 1.91
C ASP F 83 27.28 -2.55 1.21
N PHE F 84 26.34 -3.12 1.95
CA PHE F 84 25.57 -4.24 1.44
C PHE F 84 24.99 -4.07 0.04
N VAL F 85 24.19 -3.03 -0.16
CA VAL F 85 23.41 -2.86 -1.41
C VAL F 85 24.22 -2.94 -2.69
N PRO F 86 25.28 -2.10 -2.83
CA PRO F 86 26.04 -2.15 -4.08
C PRO F 86 26.94 -3.38 -4.17
N PHE F 87 27.39 -3.87 -3.01
CA PHE F 87 28.17 -5.08 -2.96
C PHE F 87 27.37 -6.18 -3.62
N ASN F 88 26.08 -6.14 -3.38
CA ASN F 88 25.21 -7.18 -3.75
C ASN F 88 24.97 -7.16 -5.24
N GLU F 89 24.83 -5.94 -5.74
CA GLU F 89 24.65 -5.72 -7.16
C GLU F 89 25.83 -6.27 -7.97
N VAL F 90 27.05 -5.88 -7.62
CA VAL F 90 28.24 -6.45 -8.24
C VAL F 90 28.36 -7.98 -8.09
N TYR F 91 28.33 -8.45 -6.85
CA TYR F 91 28.27 -9.87 -6.56
C TYR F 91 27.33 -10.61 -7.48
N ALA F 92 26.13 -10.07 -7.69
CA ALA F 92 25.19 -10.75 -8.57
C ALA F 92 25.66 -10.92 -10.02
N THR F 93 26.53 -10.03 -10.52
CA THR F 93 27.03 -10.10 -11.91
C THR F 93 27.83 -11.36 -12.21
N ALA F 94 28.29 -12.05 -11.18
CA ALA F 94 29.03 -13.29 -11.36
C ALA F 94 28.03 -14.40 -11.46
N PHE F 95 27.04 -14.33 -10.57
CA PHE F 95 26.01 -15.34 -10.52
C PHE F 95 24.74 -14.69 -10.97
N LYS F 96 24.38 -14.81 -12.23
CA LYS F 96 23.22 -14.07 -12.64
C LYS F 96 21.86 -14.72 -12.37
N SER F 97 21.83 -16.06 -12.28
CA SER F 97 20.57 -16.78 -12.19
C SER F 97 20.56 -18.13 -11.47
N ASP F 98 21.69 -18.55 -10.96
CA ASP F 98 21.70 -19.81 -10.25
C ASP F 98 22.44 -19.58 -8.99
N PHE F 99 21.80 -18.98 -8.00
CA PHE F 99 22.54 -18.39 -6.87
C PHE F 99 22.93 -19.41 -5.82
N PRO F 100 24.16 -19.30 -5.26
CA PRO F 100 24.59 -20.22 -4.20
C PRO F 100 24.09 -19.77 -2.83
N ALA F 101 24.20 -20.64 -1.83
CA ALA F 101 24.00 -20.29 -0.41
C ALA F 101 25.00 -19.22 0.04
N ARG F 102 24.60 -18.36 0.96
CA ARG F 102 25.52 -17.32 1.42
C ARG F 102 25.41 -16.97 2.89
N SER F 103 26.56 -16.62 3.47
CA SER F 103 26.62 -15.85 4.68
C SER F 103 27.46 -14.60 4.44
N ALA F 104 27.04 -13.50 5.04
CA ALA F 104 27.67 -12.21 4.86
C ALA F 104 27.69 -11.50 6.21
N VAL F 105 28.90 -11.38 6.78
CA VAL F 105 29.09 -10.80 8.09
C VAL F 105 30.08 -9.61 8.04
N GLU F 106 29.83 -8.58 8.85
CA GLU F 106 30.83 -7.54 9.07
C GLU F 106 31.91 -8.01 10.06
N VAL F 107 33.15 -8.03 9.61
CA VAL F 107 34.28 -8.31 10.49
C VAL F 107 34.96 -6.99 10.87
N ALA F 108 35.92 -7.06 11.78
CA ALA F 108 36.57 -5.84 12.23
C ALA F 108 37.62 -5.33 11.24
N ARG F 109 38.56 -6.22 10.85
CA ARG F 109 39.59 -5.87 9.85
C ARG F 109 39.89 -7.03 8.88
N LEU F 110 40.31 -6.68 7.66
CA LEU F 110 40.74 -7.64 6.66
C LEU F 110 42.18 -7.32 6.26
N PRO F 111 42.95 -8.32 5.75
CA PRO F 111 44.29 -8.08 5.21
C PRO F 111 44.39 -6.78 4.41
N LYS F 112 45.39 -5.95 4.72
CA LYS F 112 45.65 -4.69 4.00
C LYS F 112 44.45 -3.74 3.96
N ASP F 113 43.52 -3.94 4.89
CA ASP F 113 42.38 -3.05 5.07
C ASP F 113 41.38 -3.01 3.89
N VAL F 114 41.30 -4.11 3.16
CA VAL F 114 40.38 -4.20 2.08
C VAL F 114 38.94 -4.25 2.62
N LYS F 115 37.97 -3.99 1.75
CA LYS F 115 36.59 -3.84 2.17
C LYS F 115 35.88 -5.19 2.13
N ILE F 116 36.42 -6.14 1.36
CA ILE F 116 35.68 -7.34 0.93
C ILE F 116 36.61 -8.55 0.77
N GLU F 117 36.24 -9.67 1.39
CA GLU F 117 36.90 -10.97 1.15
C GLU F 117 35.84 -12.05 1.04
N ILE F 118 35.97 -12.88 0.01
CA ILE F 118 35.01 -13.92 -0.28
C ILE F 118 35.67 -15.29 -0.44
N GLU F 119 35.22 -16.25 0.38
CA GLU F 119 35.61 -17.63 0.18
C GLU F 119 34.49 -18.43 -0.45
N VAL F 120 34.84 -19.33 -1.37
CA VAL F 120 33.83 -20.10 -2.05
C VAL F 120 34.00 -21.59 -1.91
N ILE F 121 32.90 -22.32 -2.10
CA ILE F 121 32.90 -23.77 -2.11
C ILE F 121 32.12 -24.17 -3.38
N ALA F 122 32.70 -25.06 -4.18
CA ALA F 122 32.14 -25.35 -5.50
C ALA F 122 32.31 -26.83 -5.84
N GLU F 123 31.42 -27.31 -6.69
CA GLU F 123 31.43 -28.70 -7.08
C GLU F 123 32.12 -28.77 -8.42
N LEU F 124 33.04 -29.72 -8.60
CA LEU F 124 33.67 -29.97 -9.90
C LEU F 124 32.67 -30.49 -10.93
N ILE F 125 32.51 -29.75 -12.02
CA ILE F 125 31.77 -30.22 -13.20
C ILE F 125 32.15 -31.66 -13.58
N LYS G 2 -45.68 1.23 15.19
CA LYS G 2 -44.74 0.58 16.15
C LYS G 2 -43.52 1.43 16.51
N LYS G 3 -43.05 1.34 17.76
CA LYS G 3 -41.85 2.07 18.23
C LYS G 3 -40.64 1.15 18.41
N ILE G 4 -39.44 1.73 18.31
CA ILE G 4 -38.24 0.93 18.55
C ILE G 4 -37.51 1.35 19.82
N HIS G 5 -37.08 0.36 20.61
CA HIS G 5 -36.14 0.65 21.67
C HIS G 5 -35.03 -0.38 21.76
N THR G 6 -33.84 0.09 22.12
CA THR G 6 -32.69 -0.78 22.31
C THR G 6 -31.66 -0.21 23.27
N ASP G 7 -31.18 -1.07 24.14
CA ASP G 7 -30.23 -0.70 25.18
C ASP G 7 -28.89 -0.34 24.58
N LYS G 8 -28.72 -0.70 23.30
CA LYS G 8 -27.41 -0.66 22.66
C LYS G 8 -27.14 0.67 21.96
N ALA G 9 -28.07 1.60 22.13
CA ALA G 9 -27.96 2.95 21.64
C ALA G 9 -28.57 3.84 22.73
N PRO G 10 -28.23 5.14 22.75
CA PRO G 10 -28.64 6.01 23.86
C PRO G 10 -30.14 5.98 24.13
N ALA G 11 -30.50 5.85 25.41
CA ALA G 11 -31.89 5.82 25.85
C ALA G 11 -32.72 7.04 25.47
N ALA G 12 -34.03 6.85 25.24
CA ALA G 12 -34.92 7.97 24.94
C ALA G 12 -35.63 8.55 26.16
N ILE G 13 -35.03 9.57 26.79
CA ILE G 13 -35.70 10.34 27.83
C ILE G 13 -36.50 11.50 27.20
N GLY G 14 -37.81 11.48 27.38
CA GLY G 14 -38.62 12.59 26.88
C GLY G 14 -39.61 12.11 25.84
N PRO G 15 -40.28 13.05 25.16
CA PRO G 15 -41.39 12.79 24.24
C PRO G 15 -40.91 12.45 22.81
N TYR G 16 -40.09 11.41 22.70
CA TYR G 16 -39.54 10.99 21.42
C TYR G 16 -39.09 9.55 21.58
N VAL G 17 -38.94 8.82 20.48
CA VAL G 17 -38.33 7.48 20.53
C VAL G 17 -37.09 7.35 19.64
N GLN G 18 -36.23 6.39 19.97
CA GLN G 18 -35.08 6.06 19.13
C GLN G 18 -35.48 5.96 17.65
N GLY G 19 -36.59 5.28 17.36
CA GLY G 19 -37.13 5.19 16.01
C GLY G 19 -38.60 4.79 15.96
N LYS G 20 -39.27 5.19 14.88
CA LYS G 20 -40.64 4.76 14.65
C LYS G 20 -40.78 4.13 13.27
N ILE G 21 -41.49 2.99 13.22
CA ILE G 21 -41.83 2.36 11.96
C ILE G 21 -43.22 2.76 11.50
N VAL G 22 -43.35 3.04 10.22
CA VAL G 22 -44.66 3.15 9.62
C VAL G 22 -44.67 2.45 8.28
N GLY G 23 -45.59 1.50 8.11
CA GLY G 23 -45.65 0.69 6.90
C GLY G 23 -44.39 -0.11 6.82
N ASN G 24 -43.66 0.07 5.72
CA ASN G 24 -42.32 -0.53 5.52
C ASN G 24 -41.09 0.32 5.91
N LEU G 25 -41.34 1.56 6.30
CA LEU G 25 -40.26 2.51 6.57
C LEU G 25 -39.92 2.60 8.08
N LEU G 26 -38.63 2.57 8.42
CA LEU G 26 -38.15 3.08 9.71
C LEU G 26 -37.74 4.55 9.58
N PHE G 27 -38.34 5.42 10.40
CA PHE G 27 -37.84 6.78 10.64
C PHE G 27 -37.11 6.81 11.97
N ALA G 28 -35.79 6.82 11.92
CA ALA G 28 -34.97 6.86 13.13
C ALA G 28 -34.73 8.31 13.55
N SER G 29 -34.52 8.51 14.85
CA SER G 29 -34.26 9.83 15.42
C SER G 29 -32.83 10.22 15.16
N GLY G 30 -32.57 11.50 14.99
CA GLY G 30 -31.19 11.92 14.82
C GLY G 30 -30.30 11.24 15.84
N GLN G 31 -29.26 10.55 15.41
CA GLN G 31 -28.27 10.01 16.34
C GLN G 31 -27.04 10.91 16.52
N VAL G 32 -26.63 11.04 17.79
CA VAL G 32 -25.46 11.83 18.21
C VAL G 32 -24.44 10.93 18.90
N PRO G 33 -23.17 11.35 18.95
CA PRO G 33 -22.07 10.44 19.32
C PRO G 33 -21.98 10.05 20.81
N LEU G 34 -23.13 9.90 21.46
CA LEU G 34 -23.23 9.69 22.90
C LEU G 34 -23.14 8.22 23.26
N SER G 35 -22.49 7.92 24.39
CA SER G 35 -22.34 6.53 24.84
C SER G 35 -23.66 5.96 25.35
N PRO G 36 -23.95 4.72 25.03
CA PRO G 36 -25.22 4.15 25.43
C PRO G 36 -25.13 3.66 26.85
N GLU G 37 -23.91 3.50 27.31
CA GLU G 37 -23.64 3.12 28.66
C GLU G 37 -23.74 4.32 29.57
N THR G 38 -22.82 5.25 29.43
CA THR G 38 -22.87 6.46 30.23
C THR G 38 -24.05 7.31 29.82
N GLY G 39 -23.95 7.88 28.64
CA GLY G 39 -24.64 9.13 28.32
C GLY G 39 -23.65 10.27 28.09
N GLN G 40 -22.36 9.91 28.02
CA GLN G 40 -21.24 10.87 27.83
C GLN G 40 -20.65 10.77 26.41
N VAL G 41 -19.94 11.81 25.98
CA VAL G 41 -19.51 11.93 24.60
C VAL G 41 -18.29 11.06 24.33
N ILE G 42 -18.37 10.23 23.28
CA ILE G 42 -17.21 9.48 22.84
C ILE G 42 -16.48 10.17 21.71
N GLY G 43 -15.20 10.46 21.95
CA GLY G 43 -14.31 10.94 20.89
C GLY G 43 -14.08 12.43 20.94
N THR G 44 -12.95 12.83 20.35
CA THR G 44 -12.52 14.21 20.35
C THR G 44 -12.62 14.74 18.91
N THR G 45 -12.35 13.84 17.95
CA THR G 45 -12.27 14.18 16.54
C THR G 45 -13.57 13.86 15.85
N ILE G 46 -13.85 14.63 14.78
CA ILE G 46 -14.92 14.27 13.87
C ILE G 46 -14.93 12.76 13.61
N GLU G 47 -13.81 12.22 13.20
CA GLU G 47 -13.72 10.81 12.94
C GLU G 47 -14.34 10.00 14.09
N GLU G 48 -13.76 10.10 15.29
CA GLU G 48 -14.18 9.24 16.38
C GLU G 48 -15.66 9.33 16.72
N GLN G 49 -16.18 10.56 16.74
CA GLN G 49 -17.60 10.79 17.03
C GLN G 49 -18.51 10.14 15.99
N THR G 50 -18.04 10.07 14.76
CA THR G 50 -18.84 9.53 13.70
C THR G 50 -18.84 8.02 13.80
N GLN G 51 -17.71 7.46 14.23
CA GLN G 51 -17.61 6.04 14.52
C GLN G 51 -18.75 5.64 15.47
N GLN G 52 -19.00 6.49 16.46
CA GLN G 52 -19.97 6.20 17.53
C GLN G 52 -21.41 6.47 17.13
N VAL G 53 -21.66 7.59 16.46
CA VAL G 53 -22.97 7.83 15.88
C VAL G 53 -23.40 6.64 15.02
N LEU G 54 -22.44 6.05 14.32
CA LEU G 54 -22.72 4.99 13.38
C LEU G 54 -23.09 3.70 14.10
N LYS G 55 -22.31 3.35 15.13
CA LYS G 55 -22.69 2.28 16.07
C LYS G 55 -24.07 2.48 16.69
N ASN G 56 -24.35 3.68 17.16
CA ASN G 56 -25.68 3.98 17.66
C ASN G 56 -26.75 3.73 16.62
N ILE G 57 -26.52 4.18 15.38
CA ILE G 57 -27.49 3.95 14.33
C ILE G 57 -27.63 2.44 14.13
N SER G 58 -26.51 1.75 14.21
CA SER G 58 -26.48 0.35 13.87
C SER G 58 -27.35 -0.46 14.82
N ALA G 59 -27.25 -0.18 16.12
CA ALA G 59 -28.14 -0.84 17.08
C ALA G 59 -29.63 -0.62 16.76
N ILE G 60 -30.00 0.63 16.50
CA ILE G 60 -31.38 0.95 16.12
C ILE G 60 -31.88 0.20 14.84
N LEU G 61 -31.00 0.07 13.83
CA LEU G 61 -31.38 -0.55 12.57
C LEU G 61 -31.57 -2.06 12.78
N THR G 62 -30.70 -2.63 13.62
CA THR G 62 -30.72 -4.04 13.97
C THR G 62 -32.04 -4.37 14.68
N GLU G 63 -32.45 -3.48 15.58
CA GLU G 63 -33.66 -3.65 16.38
C GLU G 63 -34.93 -3.58 15.52
N ALA G 64 -34.90 -2.78 14.46
CA ALA G 64 -36.06 -2.62 13.61
C ALA G 64 -36.08 -3.68 12.52
N GLY G 65 -35.07 -4.55 12.53
CA GLY G 65 -34.90 -5.54 11.48
C GLY G 65 -34.61 -4.84 10.16
N THR G 66 -33.59 -4.01 10.17
CA THR G 66 -33.05 -3.50 8.92
C THR G 66 -31.53 -3.40 9.09
N ASP G 67 -30.87 -2.77 8.12
CA ASP G 67 -29.42 -2.63 8.18
C ASP G 67 -28.88 -1.54 7.29
N PHE G 68 -27.58 -1.32 7.37
CA PHE G 68 -26.95 -0.27 6.61
C PHE G 68 -27.30 -0.37 5.13
N ASP G 69 -27.11 -1.55 4.53
CA ASP G 69 -27.40 -1.75 3.11
C ASP G 69 -28.79 -1.27 2.72
N HIS G 70 -29.69 -1.19 3.71
CA HIS G 70 -31.08 -0.87 3.45
C HIS G 70 -31.51 0.54 3.84
N VAL G 71 -30.58 1.42 4.19
CA VAL G 71 -30.95 2.80 4.46
C VAL G 71 -31.29 3.49 3.15
N VAL G 72 -32.34 4.29 3.11
CA VAL G 72 -32.68 4.96 1.86
C VAL G 72 -32.26 6.44 1.76
N LYS G 73 -32.16 7.11 2.89
CA LYS G 73 -31.86 8.52 2.92
C LYS G 73 -31.26 8.85 4.29
N THR G 74 -30.17 9.62 4.31
CA THR G 74 -29.67 10.20 5.56
C THR G 74 -29.63 11.72 5.55
N THR G 75 -29.71 12.33 6.74
CA THR G 75 -29.49 13.74 6.83
C THR G 75 -28.43 13.96 7.88
N CYS G 76 -27.32 14.58 7.47
CA CYS G 76 -26.19 14.80 8.35
C CYS G 76 -26.08 16.27 8.74
N PHE G 77 -25.98 16.51 10.05
CA PHE G 77 -25.81 17.85 10.55
C PHE G 77 -24.45 17.92 11.21
N LEU G 78 -23.58 18.75 10.64
CA LEU G 78 -22.23 18.93 11.16
C LEU G 78 -22.13 20.27 11.89
N SER G 79 -21.29 20.35 12.91
CA SER G 79 -20.94 21.67 13.45
C SER G 79 -19.99 22.45 12.53
N ASP G 80 -19.17 21.74 11.76
CA ASP G 80 -18.20 22.37 10.88
C ASP G 80 -18.04 21.64 9.55
N ILE G 81 -18.51 22.27 8.48
CA ILE G 81 -18.40 21.72 7.13
C ILE G 81 -16.95 21.47 6.64
N ASP G 82 -15.95 22.01 7.34
CA ASP G 82 -14.54 21.73 6.98
C ASP G 82 -14.10 20.33 7.46
N ASP G 83 -14.84 19.79 8.43
CA ASP G 83 -14.67 18.41 8.80
C ASP G 83 -15.19 17.40 7.76
N PHE G 84 -15.72 17.90 6.65
CA PHE G 84 -16.46 17.10 5.65
C PHE G 84 -15.72 15.86 5.14
N VAL G 85 -14.48 16.06 4.71
CA VAL G 85 -13.68 14.97 4.15
C VAL G 85 -13.38 13.85 5.18
N PRO G 86 -12.91 14.21 6.39
CA PRO G 86 -12.76 13.14 7.37
C PRO G 86 -14.10 12.49 7.79
N PHE G 87 -15.15 13.29 7.92
CA PHE G 87 -16.46 12.72 8.22
C PHE G 87 -16.83 11.71 7.14
N ASN G 88 -16.55 12.08 5.90
CA ASN G 88 -16.86 11.26 4.74
C ASN G 88 -16.29 9.88 4.74
N GLU G 89 -15.00 9.83 5.06
CA GLU G 89 -14.22 8.61 5.09
C GLU G 89 -14.75 7.70 6.16
N VAL G 90 -15.12 8.26 7.32
CA VAL G 90 -15.58 7.38 8.39
C VAL G 90 -16.99 6.86 8.06
N TYR G 91 -17.84 7.78 7.58
CA TYR G 91 -19.16 7.44 7.07
C TYR G 91 -19.10 6.23 6.12
N ALA G 92 -18.12 6.20 5.20
CA ALA G 92 -18.12 5.14 4.20
C ALA G 92 -17.64 3.79 4.73
N THR G 93 -17.20 3.73 5.98
CA THR G 93 -16.97 2.44 6.61
C THR G 93 -18.26 1.73 6.99
N ALA G 94 -19.34 2.50 7.12
CA ALA G 94 -20.63 1.89 7.42
C ALA G 94 -21.39 1.49 6.15
N PHE G 95 -21.35 2.37 5.16
CA PHE G 95 -22.11 2.22 3.93
C PHE G 95 -21.13 1.94 2.83
N LYS G 96 -20.90 0.67 2.55
CA LYS G 96 -19.75 0.29 1.75
C LYS G 96 -20.05 0.28 0.24
N SER G 97 -21.31 0.02 -0.10
CA SER G 97 -21.72 -0.37 -1.46
C SER G 97 -23.09 0.20 -1.90
N ASP G 98 -24.19 -0.29 -1.33
CA ASP G 98 -25.49 0.36 -1.59
C ASP G 98 -25.50 1.61 -0.72
N PHE G 99 -25.39 2.78 -1.33
CA PHE G 99 -25.35 4.02 -0.56
C PHE G 99 -26.70 4.68 -0.51
N PRO G 100 -27.02 5.30 0.62
CA PRO G 100 -28.26 6.03 0.72
C PRO G 100 -28.14 7.33 -0.04
N ALA G 101 -29.28 7.94 -0.34
CA ALA G 101 -29.28 9.33 -0.71
C ALA G 101 -28.93 10.10 0.58
N ARG G 102 -28.42 11.32 0.44
CA ARG G 102 -27.94 12.06 1.61
C ARG G 102 -28.09 13.56 1.46
N SER G 103 -28.15 14.25 2.60
CA SER G 103 -27.94 15.69 2.61
C SER G 103 -27.03 16.06 3.75
N ALA G 104 -25.97 16.79 3.43
CA ALA G 104 -25.05 17.30 4.45
C ALA G 104 -25.10 18.83 4.48
N VAL G 105 -25.34 19.38 5.67
CA VAL G 105 -25.32 20.83 5.92
C VAL G 105 -24.71 21.09 7.30
N GLU G 106 -24.24 22.31 7.51
CA GLU G 106 -23.61 22.67 8.77
C GLU G 106 -24.68 23.35 9.57
N VAL G 107 -25.02 22.80 10.72
CA VAL G 107 -25.91 23.54 11.61
C VAL G 107 -25.12 24.45 12.56
N ALA G 108 -25.80 25.47 13.08
CA ALA G 108 -25.22 26.40 14.05
C ALA G 108 -24.66 25.66 15.27
N ARG G 109 -25.52 24.85 15.90
CA ARG G 109 -25.11 24.09 17.09
C ARG G 109 -25.86 22.74 17.23
N LEU G 110 -25.20 21.79 17.88
CA LEU G 110 -25.78 20.50 18.20
C LEU G 110 -25.74 20.26 19.70
N PRO G 111 -26.71 19.50 20.22
CA PRO G 111 -26.72 19.19 21.64
C PRO G 111 -25.38 18.72 22.19
N LYS G 112 -25.09 19.16 23.41
CA LYS G 112 -23.86 18.82 24.13
C LYS G 112 -22.61 19.17 23.33
N ASP G 113 -22.76 20.14 22.42
CA ASP G 113 -21.65 20.69 21.60
C ASP G 113 -20.89 19.75 20.68
N VAL G 114 -21.52 18.61 20.37
CA VAL G 114 -20.97 17.60 19.48
C VAL G 114 -20.78 18.05 18.02
N LYS G 115 -19.97 17.30 17.28
CA LYS G 115 -19.58 17.64 15.91
C LYS G 115 -20.50 17.10 14.81
N ILE G 116 -21.31 16.08 15.12
CA ILE G 116 -22.05 15.36 14.07
C ILE G 116 -23.30 14.73 14.62
N GLU G 117 -24.41 14.86 13.86
CA GLU G 117 -25.66 14.19 14.16
C GLU G 117 -26.29 13.67 12.87
N ILE G 118 -26.71 12.39 12.87
CA ILE G 118 -27.28 11.78 11.66
C ILE G 118 -28.63 11.16 11.84
N GLU G 119 -29.59 11.60 11.04
CA GLU G 119 -30.88 10.94 10.97
C GLU G 119 -31.04 10.04 9.74
N VAL G 120 -31.57 8.83 9.93
CA VAL G 120 -31.74 7.90 8.82
C VAL G 120 -33.18 7.48 8.61
N ILE G 121 -33.52 7.32 7.34
CA ILE G 121 -34.70 6.58 6.94
C ILE G 121 -34.30 5.25 6.27
N ALA G 122 -34.97 4.18 6.68
CA ALA G 122 -34.60 2.86 6.20
C ALA G 122 -35.82 2.02 5.85
N GLU G 123 -35.67 1.22 4.80
CA GLU G 123 -36.66 0.21 4.50
C GLU G 123 -36.55 -0.97 5.44
N LEU G 124 -37.69 -1.62 5.70
CA LEU G 124 -37.69 -2.85 6.48
C LEU G 124 -37.27 -4.06 5.63
N ILE G 125 -36.33 -4.86 6.12
CA ILE G 125 -35.99 -6.12 5.42
C ILE G 125 -37.14 -7.14 5.42
N LYS H 2 -34.22 1.08 -5.22
CA LYS H 2 -33.09 1.08 -6.21
C LYS H 2 -32.40 2.45 -6.40
N LYS H 3 -31.24 2.43 -7.05
CA LYS H 3 -30.43 3.61 -7.26
C LYS H 3 -30.92 4.41 -8.47
N ILE H 4 -30.80 5.72 -8.35
CA ILE H 4 -30.96 6.59 -9.47
C ILE H 4 -29.61 7.17 -9.80
N HIS H 5 -29.25 7.13 -11.07
CA HIS H 5 -28.12 7.90 -11.57
C HIS H 5 -28.37 8.42 -12.97
N THR H 6 -28.20 9.74 -13.12
CA THR H 6 -28.23 10.40 -14.42
C THR H 6 -27.00 11.27 -14.67
N ASP H 7 -26.53 11.29 -15.92
CA ASP H 7 -25.35 12.05 -16.31
C ASP H 7 -25.73 13.50 -16.28
N LYS H 8 -27.05 13.71 -16.18
CA LYS H 8 -27.65 15.02 -16.41
C LYS H 8 -27.67 15.80 -15.13
N ALA H 9 -27.37 15.12 -14.04
CA ALA H 9 -27.13 15.78 -12.77
C ALA H 9 -25.71 15.46 -12.30
N PRO H 10 -25.17 16.28 -11.39
CA PRO H 10 -23.80 16.17 -10.86
C PRO H 10 -23.50 14.77 -10.33
N ALA H 11 -22.32 14.22 -10.64
CA ALA H 11 -22.07 12.82 -10.34
C ALA H 11 -21.98 12.61 -8.83
N ALA H 12 -22.46 11.48 -8.35
CA ALA H 12 -22.38 11.22 -6.94
C ALA H 12 -20.95 10.73 -6.65
N ILE H 13 -20.13 11.61 -6.11
CA ILE H 13 -18.86 11.13 -5.60
C ILE H 13 -18.94 10.52 -4.19
N GLY H 14 -18.93 9.20 -4.16
CA GLY H 14 -18.44 8.47 -3.00
C GLY H 14 -19.51 7.73 -2.21
N PRO H 15 -19.98 8.35 -1.10
CA PRO H 15 -20.70 7.50 -0.17
C PRO H 15 -22.19 7.88 -0.21
N TYR H 16 -22.69 8.19 -1.40
CA TYR H 16 -24.09 8.48 -1.62
C TYR H 16 -24.49 8.33 -3.09
N VAL H 17 -25.79 8.36 -3.34
CA VAL H 17 -26.34 8.37 -4.68
C VAL H 17 -27.26 9.56 -4.84
N GLN H 18 -27.50 9.96 -6.08
CA GLN H 18 -28.32 11.13 -6.35
C GLN H 18 -29.72 10.89 -5.83
N GLY H 19 -30.23 9.68 -5.96
CA GLY H 19 -31.52 9.38 -5.37
C GLY H 19 -31.69 7.91 -5.15
N LYS H 20 -32.46 7.56 -4.14
CA LYS H 20 -32.78 6.16 -3.87
C LYS H 20 -34.31 6.07 -3.83
N ILE H 21 -34.83 4.98 -4.39
CA ILE H 21 -36.27 4.73 -4.46
C ILE H 21 -36.64 3.66 -3.44
N VAL H 22 -37.79 3.86 -2.80
CA VAL H 22 -38.36 2.86 -1.89
C VAL H 22 -39.89 2.91 -1.99
N GLY H 23 -40.48 1.75 -2.32
CA GLY H 23 -41.90 1.64 -2.69
C GLY H 23 -42.22 2.59 -3.82
N ASN H 24 -43.09 3.55 -3.55
CA ASN H 24 -43.52 4.49 -4.56
C ASN H 24 -42.85 5.83 -4.39
N LEU H 25 -42.03 5.97 -3.35
CA LEU H 25 -41.31 7.23 -3.13
C LEU H 25 -39.84 7.27 -3.61
N LEU H 26 -39.46 8.42 -4.16
CA LEU H 26 -38.09 8.78 -4.39
C LEU H 26 -37.58 9.78 -3.33
N PHE H 27 -36.56 9.39 -2.60
CA PHE H 27 -35.77 10.35 -1.81
C PHE H 27 -34.50 10.80 -2.55
N ALA H 28 -34.43 12.07 -2.92
CA ALA H 28 -33.30 12.57 -3.69
C ALA H 28 -32.40 13.40 -2.80
N SER H 29 -31.08 13.25 -2.99
CA SER H 29 -30.12 14.03 -2.23
C SER H 29 -30.34 15.54 -2.42
N GLY H 30 -30.01 16.33 -1.39
CA GLY H 30 -30.05 17.77 -1.54
C GLY H 30 -29.19 18.13 -2.74
N GLN H 31 -29.70 19.00 -3.61
CA GLN H 31 -28.97 19.40 -4.80
C GLN H 31 -28.41 20.80 -4.56
N VAL H 32 -27.19 21.01 -5.06
CA VAL H 32 -26.53 22.30 -4.96
C VAL H 32 -26.32 22.84 -6.39
N PRO H 33 -26.08 24.15 -6.52
CA PRO H 33 -25.96 24.77 -7.85
C PRO H 33 -24.64 24.38 -8.52
N LEU H 34 -24.50 23.12 -8.88
CA LEU H 34 -23.31 22.64 -9.53
C LEU H 34 -23.69 22.15 -10.90
N SER H 35 -22.73 22.23 -11.83
CA SER H 35 -22.93 21.88 -13.22
C SER H 35 -22.45 20.47 -13.47
N PRO H 36 -23.30 19.62 -14.08
CA PRO H 36 -22.87 18.27 -14.40
C PRO H 36 -21.85 18.19 -15.55
N GLU H 37 -21.62 19.32 -16.23
CA GLU H 37 -20.77 19.35 -17.43
C GLU H 37 -19.34 19.79 -17.06
N THR H 38 -19.24 20.81 -16.21
CA THR H 38 -17.97 21.43 -15.78
C THR H 38 -17.62 21.17 -14.30
N GLY H 39 -18.59 20.71 -13.52
CA GLY H 39 -18.38 20.46 -12.07
C GLY H 39 -18.32 21.71 -11.19
N GLN H 40 -18.63 22.86 -11.79
CA GLN H 40 -18.48 24.14 -11.09
C GLN H 40 -19.78 24.70 -10.55
N VAL H 41 -19.67 25.52 -9.52
CA VAL H 41 -20.79 26.34 -9.07
C VAL H 41 -21.26 27.18 -10.25
N ILE H 42 -22.57 27.19 -10.50
CA ILE H 42 -23.16 28.17 -11.42
C ILE H 42 -23.87 29.27 -10.64
N GLY H 43 -23.77 30.50 -11.15
CA GLY H 43 -24.43 31.64 -10.53
C GLY H 43 -23.59 32.33 -9.48
N THR H 44 -23.98 33.56 -9.16
CA THR H 44 -23.32 34.33 -8.11
C THR H 44 -24.40 34.94 -7.19
N THR H 45 -25.65 34.66 -7.55
CA THR H 45 -26.79 35.24 -6.87
C THR H 45 -27.81 34.15 -6.57
N ILE H 46 -28.60 34.35 -5.52
CA ILE H 46 -29.59 33.37 -5.13
C ILE H 46 -30.44 32.95 -6.32
N GLU H 47 -30.67 33.89 -7.24
CA GLU H 47 -31.42 33.63 -8.47
C GLU H 47 -30.95 32.39 -9.24
N GLU H 48 -29.79 32.47 -9.88
CA GLU H 48 -29.35 31.42 -10.83
C GLU H 48 -28.89 30.15 -10.13
N GLN H 49 -28.36 30.31 -8.92
CA GLN H 49 -28.03 29.14 -8.11
C GLN H 49 -29.27 28.28 -7.94
N THR H 50 -30.42 28.93 -7.74
CA THR H 50 -31.69 28.23 -7.67
C THR H 50 -32.10 27.56 -8.99
N GLN H 51 -31.87 28.24 -10.10
CA GLN H 51 -32.22 27.67 -11.41
C GLN H 51 -31.36 26.43 -11.64
N GLN H 52 -30.10 26.51 -11.24
CA GLN H 52 -29.22 25.34 -11.36
C GLN H 52 -29.67 24.19 -10.45
N VAL H 53 -29.90 24.50 -9.18
CA VAL H 53 -30.39 23.52 -8.25
C VAL H 53 -31.64 22.81 -8.84
N LEU H 54 -32.55 23.62 -9.37
CA LEU H 54 -33.81 23.11 -9.93
C LEU H 54 -33.63 22.20 -11.14
N LYS H 55 -32.73 22.57 -12.04
CA LYS H 55 -32.40 21.71 -13.18
C LYS H 55 -31.85 20.41 -12.68
N ASN H 56 -30.97 20.50 -11.68
CA ASN H 56 -30.34 19.30 -11.14
C ASN H 56 -31.39 18.31 -10.63
N ILE H 57 -32.32 18.83 -9.82
CA ILE H 57 -33.49 18.08 -9.36
C ILE H 57 -34.32 17.55 -10.53
N SER H 58 -34.62 18.43 -11.48
CA SER H 58 -35.41 18.06 -12.64
C SER H 58 -34.85 16.81 -13.32
N ALA H 59 -33.53 16.80 -13.55
CA ALA H 59 -32.83 15.63 -14.13
C ALA H 59 -33.06 14.34 -13.34
N ILE H 60 -32.97 14.44 -12.02
CA ILE H 60 -33.13 13.27 -11.18
C ILE H 60 -34.57 12.75 -11.19
N LEU H 61 -35.54 13.67 -11.05
CA LEU H 61 -36.96 13.30 -11.21
C LEU H 61 -37.16 12.60 -12.57
N THR H 62 -36.82 13.30 -13.65
CA THR H 62 -37.04 12.75 -14.97
C THR H 62 -36.56 11.31 -15.02
N GLU H 63 -35.33 11.05 -14.57
CA GLU H 63 -34.72 9.72 -14.71
C GLU H 63 -35.33 8.67 -13.77
N ALA H 64 -36.00 9.14 -12.74
CA ALA H 64 -36.78 8.28 -11.84
C ALA H 64 -38.21 8.09 -12.33
N GLY H 65 -38.57 8.80 -13.39
CA GLY H 65 -39.93 8.69 -13.94
C GLY H 65 -40.97 9.39 -13.09
N THR H 66 -40.70 10.66 -12.80
CA THR H 66 -41.62 11.55 -12.11
C THR H 66 -41.28 12.98 -12.53
N ASP H 67 -41.85 13.97 -11.85
CA ASP H 67 -41.79 15.36 -12.31
C ASP H 67 -42.09 16.34 -11.20
N PHE H 68 -42.10 17.64 -11.53
CA PHE H 68 -42.23 18.64 -10.47
C PHE H 68 -43.56 18.60 -9.70
N ASP H 69 -44.59 18.05 -10.33
CA ASP H 69 -45.94 17.95 -9.75
C ASP H 69 -46.15 16.79 -8.77
N HIS H 70 -45.37 15.72 -8.94
CA HIS H 70 -45.45 14.59 -8.02
C HIS H 70 -44.46 14.71 -6.87
N VAL H 71 -43.90 15.89 -6.70
CA VAL H 71 -43.11 16.18 -5.52
C VAL H 71 -44.05 16.39 -4.32
N VAL H 72 -43.90 15.57 -3.30
CA VAL H 72 -44.67 15.72 -2.08
C VAL H 72 -44.11 16.71 -1.06
N LYS H 73 -42.80 16.73 -0.84
CA LYS H 73 -42.20 17.62 0.16
C LYS H 73 -40.78 18.07 -0.23
N THR H 74 -40.41 19.29 0.11
CA THR H 74 -39.05 19.77 -0.06
C THR H 74 -38.51 20.45 1.21
N THR H 75 -37.20 20.35 1.41
CA THR H 75 -36.52 21.15 2.42
C THR H 75 -35.47 22.03 1.76
N CYS H 76 -35.56 23.33 2.00
CA CYS H 76 -34.67 24.31 1.39
C CYS H 76 -33.74 24.90 2.42
N PHE H 77 -32.44 24.62 2.32
CA PHE H 77 -31.48 25.27 3.18
C PHE H 77 -30.83 26.44 2.48
N LEU H 78 -31.01 27.63 3.09
CA LEU H 78 -30.43 28.86 2.60
C LEU H 78 -29.30 29.28 3.52
N SER H 79 -28.31 29.97 2.96
CA SER H 79 -27.16 30.48 3.73
C SER H 79 -27.52 31.79 4.39
N ASP H 80 -28.51 32.45 3.82
CA ASP H 80 -29.03 33.70 4.35
C ASP H 80 -30.53 33.86 4.06
N ILE H 81 -31.32 33.99 5.12
CA ILE H 81 -32.76 33.91 4.96
C ILE H 81 -33.41 35.21 4.47
N ASP H 82 -32.67 36.32 4.61
CA ASP H 82 -33.01 37.56 3.92
C ASP H 82 -33.17 37.29 2.41
N ASP H 83 -32.52 36.23 1.92
CA ASP H 83 -32.52 35.90 0.49
C ASP H 83 -33.80 35.21 0.04
N PHE H 84 -34.78 35.14 0.93
CA PHE H 84 -35.94 34.27 0.76
C PHE H 84 -36.83 34.65 -0.42
N VAL H 85 -37.30 35.91 -0.41
CA VAL H 85 -38.26 36.40 -1.41
C VAL H 85 -37.90 36.09 -2.87
N PRO H 86 -36.75 36.59 -3.37
CA PRO H 86 -36.34 36.26 -4.76
C PRO H 86 -36.13 34.76 -5.00
N PHE H 87 -35.61 34.05 -4.00
CA PHE H 87 -35.60 32.58 -4.04
C PHE H 87 -36.98 32.03 -4.34
N ASN H 88 -37.97 32.45 -3.56
CA ASN H 88 -39.36 32.09 -3.81
C ASN H 88 -39.72 32.34 -5.27
N GLU H 89 -39.49 33.54 -5.76
CA GLU H 89 -39.84 33.88 -7.13
C GLU H 89 -39.44 32.77 -8.10
N VAL H 90 -38.23 32.23 -7.92
CA VAL H 90 -37.63 31.27 -8.84
C VAL H 90 -38.12 29.85 -8.56
N TYR H 91 -38.11 29.48 -7.29
CA TYR H 91 -38.67 28.21 -6.84
C TYR H 91 -40.04 27.96 -7.48
N ALA H 92 -40.85 29.02 -7.58
CA ALA H 92 -42.23 28.91 -8.08
C ALA H 92 -42.28 28.55 -9.57
N THR H 93 -41.28 29.01 -10.32
CA THR H 93 -41.25 28.84 -11.77
C THR H 93 -40.98 27.38 -12.12
N ALA H 94 -40.83 26.56 -11.09
CA ALA H 94 -40.57 25.14 -11.30
C ALA H 94 -41.86 24.35 -11.25
N PHE H 95 -42.76 24.77 -10.37
CA PHE H 95 -43.94 23.99 -10.03
C PHE H 95 -45.20 24.49 -10.72
N LYS H 96 -45.64 23.75 -11.72
CA LYS H 96 -46.81 24.08 -12.47
C LYS H 96 -47.84 24.71 -11.59
N SER H 97 -48.16 24.06 -10.49
CA SER H 97 -49.23 24.58 -9.68
C SER H 97 -49.87 23.54 -8.80
N ASP H 98 -49.26 22.38 -8.76
CA ASP H 98 -49.48 21.45 -7.69
C ASP H 98 -48.29 21.76 -6.78
N PHE H 99 -48.49 22.21 -5.52
CA PHE H 99 -47.34 22.60 -4.77
C PHE H 99 -47.07 21.62 -3.64
N PRO H 100 -45.83 21.30 -3.41
CA PRO H 100 -45.45 20.40 -2.33
C PRO H 100 -45.44 21.06 -0.96
N ALA H 101 -45.38 20.26 0.09
CA ALA H 101 -45.11 20.78 1.42
C ALA H 101 -43.64 21.25 1.54
N ARG H 102 -43.40 22.30 2.31
CA ARG H 102 -42.09 22.93 2.40
C ARG H 102 -41.71 23.35 3.81
N SER H 103 -40.49 22.99 4.20
CA SER H 103 -39.70 23.80 5.12
C SER H 103 -38.57 24.53 4.35
N ALA H 104 -38.15 25.70 4.87
CA ALA H 104 -37.00 26.43 4.33
C ALA H 104 -36.34 27.21 5.45
N VAL H 105 -35.13 26.84 5.81
CA VAL H 105 -34.43 27.46 6.95
C VAL H 105 -33.05 28.02 6.58
N GLU H 106 -32.47 28.78 7.49
CA GLU H 106 -31.12 29.27 7.30
C GLU H 106 -30.13 28.38 8.03
N VAL H 107 -29.29 27.69 7.27
CA VAL H 107 -28.17 26.96 7.87
C VAL H 107 -26.98 27.89 8.06
N ALA H 108 -25.99 27.41 8.79
CA ALA H 108 -24.84 28.22 9.15
C ALA H 108 -23.70 28.05 8.12
N ARG H 109 -23.76 27.01 7.30
CA ARG H 109 -22.96 26.93 6.08
C ARG H 109 -23.37 25.73 5.18
N LEU H 110 -23.35 25.97 3.86
CA LEU H 110 -23.57 24.95 2.84
C LEU H 110 -22.26 24.59 2.17
N PRO H 111 -22.15 23.36 1.63
CA PRO H 111 -21.01 22.99 0.81
C PRO H 111 -20.67 24.02 -0.27
N LYS H 112 -19.38 24.34 -0.40
CA LYS H 112 -18.82 25.27 -1.42
C LYS H 112 -19.33 26.69 -1.26
N ASP H 113 -19.70 27.00 -0.02
CA ASP H 113 -20.27 28.29 0.32
C ASP H 113 -21.32 28.82 -0.66
N VAL H 114 -22.19 27.92 -1.12
CA VAL H 114 -23.30 28.31 -1.99
C VAL H 114 -24.49 28.84 -1.18
N LYS H 115 -25.47 29.41 -1.88
CA LYS H 115 -26.58 30.11 -1.21
C LYS H 115 -27.75 29.18 -0.91
N ILE H 116 -27.98 28.22 -1.80
CA ILE H 116 -29.15 27.37 -1.70
C ILE H 116 -28.80 25.90 -1.91
N GLU H 117 -29.36 25.04 -1.04
CA GLU H 117 -29.42 23.59 -1.28
C GLU H 117 -30.84 23.11 -1.05
N ILE H 118 -31.44 22.49 -2.06
CA ILE H 118 -32.80 21.90 -1.94
C ILE H 118 -32.90 20.36 -1.96
N GLU H 119 -33.61 19.78 -1.00
CA GLU H 119 -33.89 18.34 -1.10
C GLU H 119 -35.34 18.01 -1.36
N VAL H 120 -35.59 17.15 -2.34
CA VAL H 120 -36.95 16.72 -2.62
C VAL H 120 -37.26 15.29 -2.22
N ILE H 121 -38.52 15.07 -1.85
CA ILE H 121 -39.15 13.75 -1.82
C ILE H 121 -40.30 13.77 -2.81
N ALA H 122 -40.41 12.71 -3.61
CA ALA H 122 -41.38 12.69 -4.72
C ALA H 122 -42.04 11.32 -4.92
N GLU H 123 -43.25 11.35 -5.45
CA GLU H 123 -44.04 10.15 -5.73
C GLU H 123 -43.72 9.77 -7.16
N LEU H 124 -43.56 8.47 -7.38
CA LEU H 124 -43.38 7.93 -8.74
C LEU H 124 -44.67 7.94 -9.54
N ILE H 125 -44.55 8.19 -10.85
CA ILE H 125 -45.57 7.80 -11.83
C ILE H 125 -45.19 6.53 -12.63
N LYS I 2 -52.87 14.51 -2.98
CA LYS I 2 -53.98 15.02 -2.12
C LYS I 2 -53.60 16.28 -1.31
N LYS I 3 -54.37 17.36 -1.52
CA LYS I 3 -54.03 18.73 -1.08
C LYS I 3 -54.76 19.17 0.21
N ILE I 4 -54.11 20.01 1.01
CA ILE I 4 -54.63 20.34 2.35
C ILE I 4 -54.66 21.85 2.66
N HIS I 5 -55.74 22.54 2.29
CA HIS I 5 -55.95 23.95 2.68
C HIS I 5 -56.88 24.02 3.89
N THR I 6 -56.33 24.32 5.07
CA THR I 6 -57.14 24.52 6.28
C THR I 6 -57.11 25.95 6.83
N ASP I 7 -58.29 26.50 7.16
CA ASP I 7 -58.41 27.88 7.63
C ASP I 7 -57.75 28.07 9.00
N LYS I 8 -57.63 26.98 9.75
CA LYS I 8 -57.23 27.06 11.16
C LYS I 8 -55.73 26.94 11.38
N ALA I 9 -54.98 27.07 10.30
CA ALA I 9 -53.54 27.33 10.36
C ALA I 9 -53.25 28.34 9.27
N PRO I 10 -52.11 28.99 9.38
CA PRO I 10 -51.82 30.16 8.57
C PRO I 10 -51.75 29.78 7.14
N ALA I 11 -52.31 30.61 6.27
CA ALA I 11 -52.40 30.32 4.85
C ALA I 11 -51.19 29.70 4.18
N ALA I 12 -51.26 29.58 2.88
CA ALA I 12 -50.14 29.08 2.10
C ALA I 12 -49.92 30.00 0.94
N ILE I 13 -49.46 31.18 1.30
CA ILE I 13 -48.95 32.27 0.47
C ILE I 13 -47.64 31.88 -0.19
N GLY I 14 -47.56 32.05 -1.51
CA GLY I 14 -46.44 31.54 -2.32
C GLY I 14 -46.69 30.19 -2.97
N PRO I 15 -45.61 29.45 -3.26
CA PRO I 15 -45.66 28.19 -4.02
C PRO I 15 -45.54 26.92 -3.17
N TYR I 16 -46.35 26.81 -2.12
CA TYR I 16 -46.29 25.68 -1.20
C TYR I 16 -47.65 25.42 -0.54
N VAL I 17 -47.88 24.20 -0.08
CA VAL I 17 -49.13 23.84 0.62
C VAL I 17 -48.81 23.55 2.07
N GLN I 18 -49.81 23.63 2.96
CA GLN I 18 -49.65 23.31 4.39
C GLN I 18 -49.29 21.85 4.57
N GLY I 19 -49.72 21.05 3.61
CA GLY I 19 -49.68 19.60 3.71
C GLY I 19 -49.89 18.97 2.35
N LYS I 20 -49.10 17.94 2.06
CA LYS I 20 -49.42 17.05 0.98
C LYS I 20 -49.45 15.65 1.54
N ILE I 21 -50.35 14.85 0.97
CA ILE I 21 -50.47 13.46 1.34
C ILE I 21 -50.06 12.62 0.17
N VAL I 22 -49.36 11.52 0.44
CA VAL I 22 -49.09 10.54 -0.58
C VAL I 22 -49.18 9.19 0.10
N GLY I 23 -50.07 8.33 -0.42
CA GLY I 23 -50.47 7.08 0.26
C GLY I 23 -51.03 7.28 1.67
N ASN I 24 -50.44 6.58 2.63
CA ASN I 24 -50.84 6.67 4.03
C ASN I 24 -50.22 7.88 4.78
N LEU I 25 -49.46 8.73 4.08
CA LEU I 25 -48.59 9.67 4.78
C LEU I 25 -48.97 11.12 4.60
N LEU I 26 -49.00 11.83 5.70
CA LEU I 26 -49.06 13.27 5.66
C LEU I 26 -47.67 13.83 5.84
N PHE I 27 -47.35 14.77 4.98
CA PHE I 27 -46.16 15.58 5.09
C PHE I 27 -46.57 17.02 5.37
N ALA I 28 -46.31 17.47 6.59
CA ALA I 28 -46.57 18.85 6.96
C ALA I 28 -45.40 19.77 6.65
N SER I 29 -45.69 20.89 5.99
CA SER I 29 -44.80 22.04 6.00
C SER I 29 -44.33 22.37 7.41
N GLY I 30 -43.11 22.90 7.51
CA GLY I 30 -42.58 23.40 8.77
C GLY I 30 -43.53 24.41 9.39
N GLN I 31 -43.87 24.22 10.66
CA GLN I 31 -44.80 25.14 11.31
C GLN I 31 -44.07 26.11 12.24
N VAL I 32 -44.37 27.40 12.06
CA VAL I 32 -43.79 28.46 12.88
C VAL I 32 -44.87 29.19 13.70
N PRO I 33 -44.52 29.64 14.93
CA PRO I 33 -45.54 30.17 15.84
C PRO I 33 -46.17 31.46 15.33
N LEU I 34 -47.04 31.35 14.33
CA LEU I 34 -47.69 32.50 13.73
C LEU I 34 -49.20 32.51 13.98
N SER I 35 -49.74 33.73 13.94
CA SER I 35 -51.18 33.99 13.98
C SER I 35 -51.86 33.54 12.68
N PRO I 36 -52.79 32.56 12.80
CA PRO I 36 -53.55 31.93 11.67
C PRO I 36 -54.10 32.96 10.70
N GLU I 37 -54.51 34.15 11.32
CA GLU I 37 -54.39 35.46 10.67
C GLU I 37 -54.40 36.20 12.02
N THR I 38 -53.39 37.01 12.37
CA THR I 38 -52.88 38.16 11.58
C THR I 38 -51.52 37.96 10.83
N GLY I 39 -50.93 36.76 10.98
CA GLY I 39 -49.53 36.54 10.62
C GLY I 39 -48.55 36.96 11.72
N GLN I 40 -49.02 37.59 12.83
CA GLN I 40 -48.11 38.07 13.87
C GLN I 40 -47.44 36.90 14.57
N VAL I 41 -46.21 37.12 15.03
CA VAL I 41 -45.57 36.20 15.95
C VAL I 41 -46.30 36.18 17.27
N ILE I 42 -46.65 34.98 17.70
CA ILE I 42 -47.37 34.75 18.95
C ILE I 42 -46.41 34.14 19.96
N GLY I 43 -46.12 34.89 21.03
CA GLY I 43 -45.23 34.41 22.09
C GLY I 43 -43.86 35.06 22.12
N THR I 44 -43.18 34.96 23.25
CA THR I 44 -41.91 35.64 23.41
C THR I 44 -40.88 34.65 23.92
N THR I 45 -41.24 33.89 24.95
CA THR I 45 -40.41 32.81 25.43
C THR I 45 -40.67 31.59 24.55
N ILE I 46 -39.81 30.59 24.67
CA ILE I 46 -39.94 29.38 23.87
C ILE I 46 -41.20 28.60 24.28
N GLU I 47 -41.44 28.52 25.60
CA GLU I 47 -42.68 27.98 26.13
C GLU I 47 -43.89 28.44 25.31
N GLU I 48 -44.02 29.74 25.15
CA GLU I 48 -45.19 30.29 24.49
C GLU I 48 -45.17 30.10 22.99
N GLN I 49 -43.96 30.04 22.41
CA GLN I 49 -43.83 30.01 20.96
C GLN I 49 -44.06 28.59 20.44
N THR I 50 -43.44 27.64 21.15
CA THR I 50 -43.71 26.24 20.96
C THR I 50 -45.21 25.95 20.94
N GLN I 51 -45.94 26.48 21.94
CA GLN I 51 -47.39 26.31 22.05
C GLN I 51 -48.14 26.71 20.77
N GLN I 52 -47.82 27.85 20.19
CA GLN I 52 -48.47 28.23 18.95
C GLN I 52 -48.13 27.34 17.74
N VAL I 53 -47.00 26.65 17.79
CA VAL I 53 -46.63 25.78 16.67
C VAL I 53 -47.46 24.49 16.82
N LEU I 54 -47.28 23.82 17.96
CA LEU I 54 -48.15 22.72 18.37
C LEU I 54 -49.61 22.95 17.96
N LYS I 55 -50.13 24.13 18.21
CA LYS I 55 -51.51 24.39 17.84
C LYS I 55 -51.69 24.45 16.33
N ASN I 56 -50.75 25.07 15.64
CA ASN I 56 -50.87 25.26 14.20
C ASN I 56 -50.72 23.98 13.40
N ILE I 57 -49.90 23.06 13.91
CA ILE I 57 -49.76 21.73 13.32
C ILE I 57 -51.09 21.02 13.52
N SER I 58 -51.64 21.18 14.73
CA SER I 58 -52.77 20.40 15.19
C SER I 58 -53.97 20.61 14.29
N ALA I 59 -54.26 21.87 13.97
CA ALA I 59 -55.20 22.21 12.89
C ALA I 59 -54.99 21.37 11.64
N ILE I 60 -53.73 21.13 11.29
CA ILE I 60 -53.39 20.60 9.99
C ILE I 60 -53.62 19.11 9.99
N LEU I 61 -53.28 18.47 11.10
CA LEU I 61 -53.56 17.06 11.29
C LEU I 61 -55.05 16.80 11.21
N THR I 62 -55.84 17.62 11.91
CA THR I 62 -57.30 17.51 11.93
C THR I 62 -57.94 17.57 10.55
N GLU I 63 -57.44 18.44 9.68
CA GLU I 63 -57.92 18.53 8.30
C GLU I 63 -57.49 17.34 7.44
N ALA I 64 -56.20 16.98 7.50
CA ALA I 64 -55.78 15.60 7.17
C ALA I 64 -56.67 14.79 8.08
N GLY I 65 -56.78 13.50 7.88
CA GLY I 65 -57.56 12.78 8.86
C GLY I 65 -56.58 12.23 9.85
N THR I 66 -56.10 13.02 10.79
CA THR I 66 -55.11 12.49 11.73
C THR I 66 -54.83 13.34 12.96
N ASP I 67 -53.84 12.92 13.74
CA ASP I 67 -53.62 13.49 15.05
C ASP I 67 -52.24 13.14 15.59
N PHE I 68 -51.97 13.55 16.83
CA PHE I 68 -50.62 13.61 17.38
C PHE I 68 -50.07 12.24 17.74
N ASP I 69 -50.99 11.28 17.93
CA ASP I 69 -50.63 9.89 18.14
C ASP I 69 -50.16 9.27 16.83
N HIS I 70 -50.76 9.71 15.72
CA HIS I 70 -50.44 9.17 14.39
C HIS I 70 -49.31 9.96 13.70
N VAL I 71 -48.43 10.55 14.50
CA VAL I 71 -47.27 11.27 13.97
C VAL I 71 -46.03 10.39 14.08
N VAL I 72 -45.26 10.33 12.99
CA VAL I 72 -44.17 9.38 12.96
C VAL I 72 -42.81 10.05 13.20
N LYS I 73 -42.59 11.19 12.55
CA LYS I 73 -41.31 11.86 12.67
C LYS I 73 -41.48 13.35 12.71
N THR I 74 -40.75 14.00 13.61
CA THR I 74 -40.69 15.44 13.61
C THR I 74 -39.25 15.92 13.43
N THR I 75 -39.11 17.09 12.83
CA THR I 75 -37.86 17.80 12.81
C THR I 75 -38.03 19.17 13.46
N CYS I 76 -37.20 19.42 14.47
CA CYS I 76 -37.29 20.61 15.31
C CYS I 76 -36.15 21.58 15.11
N PHE I 77 -36.43 22.67 14.40
CA PHE I 77 -35.43 23.71 14.18
C PHE I 77 -35.55 24.73 15.30
N LEU I 78 -34.58 24.73 16.21
CA LEU I 78 -34.51 25.74 17.28
C LEU I 78 -33.54 26.85 16.92
N SER I 79 -33.87 28.09 17.27
CA SER I 79 -32.88 29.16 17.11
C SER I 79 -31.92 29.23 18.28
N ASP I 80 -32.16 28.43 19.34
CA ASP I 80 -31.19 28.28 20.41
C ASP I 80 -31.25 26.98 21.21
N ILE I 81 -30.21 26.15 21.05
CA ILE I 81 -30.11 24.85 21.75
C ILE I 81 -30.25 24.83 23.29
N ASP I 82 -29.99 25.95 23.96
CA ASP I 82 -30.23 26.05 25.41
C ASP I 82 -31.74 26.05 25.74
N ASP I 83 -32.56 26.50 24.77
CA ASP I 83 -34.01 26.53 24.90
C ASP I 83 -34.61 25.15 25.11
N PHE I 84 -33.79 24.12 24.92
CA PHE I 84 -34.28 22.77 24.61
C PHE I 84 -35.13 22.19 25.73
N VAL I 85 -34.63 22.31 26.96
CA VAL I 85 -35.34 21.81 28.13
C VAL I 85 -36.77 22.38 28.17
N PRO I 86 -36.90 23.72 28.36
CA PRO I 86 -38.22 24.34 28.34
C PRO I 86 -39.03 24.02 27.08
N PHE I 87 -38.34 23.58 26.02
CA PHE I 87 -39.00 23.28 24.76
C PHE I 87 -39.59 21.89 24.83
N ASN I 88 -38.73 20.97 25.25
CA ASN I 88 -39.04 19.58 25.49
C ASN I 88 -40.17 19.37 26.49
N GLU I 89 -40.27 20.25 27.49
CA GLU I 89 -41.39 20.24 28.44
C GLU I 89 -42.73 20.55 27.77
N VAL I 90 -42.78 21.61 26.97
CA VAL I 90 -44.01 21.98 26.30
C VAL I 90 -44.32 21.04 25.13
N TYR I 91 -43.26 20.58 24.47
CA TYR I 91 -43.42 19.60 23.41
C TYR I 91 -44.16 18.37 23.92
N ALA I 92 -43.66 17.81 25.02
CA ALA I 92 -44.24 16.63 25.68
C ALA I 92 -45.74 16.66 25.98
N THR I 93 -46.40 17.79 25.71
CA THR I 93 -47.83 17.87 26.02
C THR I 93 -48.75 17.98 24.80
N ALA I 94 -48.24 17.70 23.60
CA ALA I 94 -49.12 17.31 22.52
C ALA I 94 -49.22 15.80 22.45
N PHE I 95 -48.14 15.11 22.84
CA PHE I 95 -48.06 13.64 22.78
C PHE I 95 -47.81 13.07 24.15
N LYS I 96 -48.84 12.54 24.80
CA LYS I 96 -48.66 11.99 26.15
C LYS I 96 -48.45 10.46 26.18
N SER I 97 -48.75 9.82 25.06
CA SER I 97 -48.85 8.36 24.96
C SER I 97 -47.85 7.72 23.98
N ASP I 98 -48.01 8.06 22.71
CA ASP I 98 -47.11 7.57 21.67
C ASP I 98 -46.30 8.72 21.07
N PHE I 99 -45.00 8.67 21.29
CA PHE I 99 -44.11 9.74 20.84
C PHE I 99 -43.49 9.43 19.47
N PRO I 100 -43.45 10.44 18.59
CA PRO I 100 -42.78 10.31 17.29
C PRO I 100 -41.26 10.12 17.36
N ALA I 101 -40.67 9.84 16.21
CA ALA I 101 -39.23 9.99 16.06
C ALA I 101 -38.89 11.49 15.89
N ARG I 102 -37.76 11.89 16.48
CA ARG I 102 -37.41 13.32 16.49
C ARG I 102 -35.95 13.58 16.21
N SER I 103 -35.74 14.60 15.39
CA SER I 103 -34.43 15.24 15.33
C SER I 103 -34.60 16.72 15.68
N ALA I 104 -33.69 17.21 16.53
CA ALA I 104 -33.71 18.61 16.98
C ALA I 104 -32.35 19.32 16.78
N VAL I 105 -32.31 20.30 15.88
CA VAL I 105 -31.09 21.08 15.65
C VAL I 105 -31.23 22.59 15.96
N GLU I 106 -30.09 23.23 16.20
CA GLU I 106 -30.01 24.69 16.17
C GLU I 106 -29.68 25.13 14.76
N VAL I 107 -30.59 25.88 14.14
CA VAL I 107 -30.31 26.49 12.87
C VAL I 107 -29.64 27.80 13.16
N ALA I 108 -29.29 28.53 12.11
CA ALA I 108 -28.80 29.91 12.25
C ALA I 108 -29.93 30.95 12.35
N ARG I 109 -30.89 30.92 11.43
CA ARG I 109 -32.13 31.67 11.60
C ARG I 109 -33.37 30.92 11.10
N LEU I 110 -34.53 31.34 11.61
CA LEU I 110 -35.85 30.90 11.12
C LEU I 110 -36.58 32.16 10.71
N PRO I 111 -37.67 32.05 9.93
CA PRO I 111 -38.35 33.31 9.54
C PRO I 111 -38.86 34.13 10.73
N LYS I 112 -38.78 35.46 10.61
CA LYS I 112 -39.18 36.38 11.68
C LYS I 112 -38.44 36.18 13.01
N ASP I 113 -37.23 35.63 12.92
CA ASP I 113 -36.39 35.39 14.10
C ASP I 113 -37.12 34.66 15.24
N VAL I 114 -38.18 33.96 14.84
CA VAL I 114 -38.88 33.03 15.71
C VAL I 114 -37.91 32.00 16.24
N LYS I 115 -38.30 31.37 17.34
CA LYS I 115 -37.41 30.52 18.14
C LYS I 115 -37.53 29.06 17.80
N ILE I 116 -38.50 28.71 16.95
CA ILE I 116 -38.90 27.31 16.75
C ILE I 116 -39.70 27.02 15.44
N GLU I 117 -39.16 26.09 14.63
CA GLU I 117 -39.93 25.45 13.54
C GLU I 117 -39.98 23.93 13.70
N ILE I 118 -41.16 23.35 13.59
CA ILE I 118 -41.31 21.90 13.65
C ILE I 118 -42.06 21.38 12.46
N GLU I 119 -41.43 20.44 11.73
CA GLU I 119 -42.12 19.74 10.66
C GLU I 119 -42.47 18.36 11.12
N VAL I 120 -43.58 17.85 10.60
CA VAL I 120 -44.12 16.55 11.03
C VAL I 120 -44.46 15.63 9.85
N ILE I 121 -44.29 14.33 10.10
CA ILE I 121 -44.82 13.30 9.24
C ILE I 121 -45.82 12.41 10.02
N ALA I 122 -47.02 12.30 9.45
CA ALA I 122 -48.15 11.62 10.08
C ALA I 122 -48.71 10.48 9.22
N GLU I 123 -49.04 9.38 9.88
CA GLU I 123 -49.91 8.30 9.38
C GLU I 123 -51.35 8.80 9.32
N LEU I 124 -52.03 8.63 8.19
CA LEU I 124 -53.46 8.95 8.12
C LEU I 124 -54.24 8.00 9.01
N ILE I 125 -55.24 8.52 9.73
CA ILE I 125 -56.16 7.66 10.47
C ILE I 125 -57.01 6.85 9.50
#